data_4C28
#
_entry.id   4C28
#
_cell.length_a   72.951
_cell.length_b   79.005
_cell.length_c   176.839
_cell.angle_alpha   90.00
_cell.angle_beta   90.00
_cell.angle_gamma   90.00
#
_symmetry.space_group_name_H-M   'P 21 21 21'
#
loop_
_entity.id
_entity.type
_entity.pdbx_description
1 polymer 'STEROL 14-ALPHA DEMETHYLASE'
2 non-polymer 'PROTOPORPHYRIN IX CONTAINING FE'
3 non-polymer (R)-N-(3-(1H-indol-3-yl)-1-oxo-1-(pyridin-4-ylamino)propan-2-yl)-4-(4-(4-chlorophenyl)piperazin-1-yl)-2-fluorobenzamide
4 non-polymer 1,2-ETHANEDIOL
5 non-polymer 'CHLORIDE ION'
6 water water
#
_entity_poly.entity_id   1
_entity_poly.type   'polypeptide(L)'
_entity_poly.pdbx_seq_one_letter_code
;MAKKTSSKPTDPPVYPVTVPFLGHIVQFGKNPLEFMQRCKRDLKSGVFTISIGGQRVTIVGDPHEHSRFFSPRNEILSPR
EVYTIMTPVFGEGVAYAAPYPRMREQLNFLAEELTIAKFQNFVPAIQHEVRKFMAENWKEDEGVINLLEDCGAMIINTAC
QCLFGEDLRKRLNARHFAQLLSKMESSLIPAAVFMPWLLRLPLPQSARCREARAELQKILGEIIVAREKEEASKDNNTSD
LLGGLLKAVYRDGTRMSLHEVCGMIVAAMFAGQHTSTITTSWSMLHLMHPKNKKWLDKLHKEIDEFPAQLNYDNVMDEMP
FAERCVRESIRRDPPLLMVMRMVKAEVKVGSYVVPKGDIIACSPLLSHHDEEAFPNPRLWDPERDEKVDGAFIGFGAGVH
KCIGQKFALLQVKTILATAFREYDFQLLRDEVPDPDYHTMVVGPTLNQCLVKYTRKKKLPSHHHHHH
;
_entity_poly.pdbx_strand_id   A,B
#
# COMPACT_ATOMS: atom_id res chain seq x y z
N PRO A 9 1.46 -15.23 -39.88
CA PRO A 9 1.57 -16.26 -40.91
C PRO A 9 1.73 -17.64 -40.26
N THR A 10 2.70 -17.73 -39.36
CA THR A 10 3.34 -19.00 -39.06
C THR A 10 2.88 -19.61 -37.73
N ASP A 11 2.67 -20.91 -37.73
CA ASP A 11 2.42 -21.63 -36.47
C ASP A 11 3.65 -21.55 -35.60
N PRO A 12 3.48 -21.44 -34.28
CA PRO A 12 4.67 -21.64 -33.46
C PRO A 12 5.29 -23.07 -33.61
N PRO A 13 6.61 -23.20 -33.38
CA PRO A 13 7.24 -24.51 -33.39
C PRO A 13 6.69 -25.52 -32.35
N VAL A 14 6.54 -26.80 -32.73
CA VAL A 14 6.02 -27.85 -31.83
C VAL A 14 7.16 -28.72 -31.33
N TYR A 15 7.22 -29.02 -30.04
CA TYR A 15 8.26 -29.94 -29.57
C TYR A 15 7.97 -31.37 -30.16
N PRO A 16 9.01 -32.01 -30.74
CA PRO A 16 8.80 -33.29 -31.39
C PRO A 16 8.11 -34.23 -30.46
N VAL A 17 7.19 -35.01 -30.98
CA VAL A 17 6.42 -36.02 -30.24
C VAL A 17 6.81 -37.40 -30.71
N THR A 18 7.20 -38.28 -29.77
CA THR A 18 7.48 -39.68 -30.09
C THR A 18 6.30 -40.68 -29.77
N VAL A 19 5.44 -40.39 -28.79
CA VAL A 19 4.27 -41.24 -28.51
C VAL A 19 2.98 -40.41 -28.66
N PRO A 20 2.24 -40.58 -29.78
CA PRO A 20 1.06 -39.71 -30.08
C PRO A 20 -0.01 -39.66 -28.97
N PHE A 21 -0.38 -40.80 -28.45
CA PHE A 21 -1.39 -40.76 -27.41
C PHE A 21 -1.01 -39.78 -26.27
N LEU A 22 0.26 -39.77 -25.86
CA LEU A 22 0.60 -39.01 -24.66
C LEU A 22 1.08 -37.61 -24.94
N GLY A 23 1.63 -37.41 -26.12
CA GLY A 23 2.30 -36.19 -26.41
C GLY A 23 3.45 -36.02 -25.45
N HIS A 24 3.46 -34.93 -24.68
CA HIS A 24 4.58 -34.67 -23.79
C HIS A 24 4.18 -34.83 -22.36
N ILE A 25 3.21 -35.67 -22.07
CA ILE A 25 2.74 -35.85 -20.70
C ILE A 25 3.87 -36.31 -19.76
N VAL A 26 4.75 -37.18 -20.26
CA VAL A 26 5.80 -37.71 -19.40
C VAL A 26 6.79 -36.57 -18.95
N GLN A 27 7.36 -35.86 -19.89
CA GLN A 27 8.36 -34.87 -19.61
C GLN A 27 7.72 -33.67 -18.88
N PHE A 28 6.53 -33.25 -19.31
CA PHE A 28 5.89 -32.09 -18.71
C PHE A 28 5.36 -32.39 -17.29
N GLY A 29 4.78 -33.58 -17.11
CA GLY A 29 4.36 -34.08 -15.79
C GLY A 29 5.50 -34.15 -14.79
N LYS A 30 6.57 -34.78 -15.19
CA LYS A 30 7.63 -35.12 -14.29
C LYS A 30 8.39 -33.86 -13.83
N ASN A 31 8.60 -32.93 -14.75
CA ASN A 31 9.43 -31.77 -14.41
C ASN A 31 9.15 -30.65 -15.35
N PRO A 32 8.09 -29.90 -15.04
CA PRO A 32 7.69 -28.81 -15.96
C PRO A 32 8.70 -27.65 -16.10
N LEU A 33 9.45 -27.32 -15.07
CA LEU A 33 10.44 -26.23 -15.17
C LEU A 33 11.51 -26.66 -16.14
N GLU A 34 12.06 -27.85 -16.00
CA GLU A 34 13.02 -28.31 -16.99
C GLU A 34 12.47 -28.34 -18.41
N PHE A 35 11.33 -29.04 -18.59
CA PHE A 35 10.79 -29.27 -19.93
C PHE A 35 10.43 -27.98 -20.65
N MET A 36 9.79 -27.01 -20.01
CA MET A 36 9.45 -25.77 -20.65
C MET A 36 10.69 -24.97 -21.05
N GLN A 37 11.71 -24.92 -20.20
CA GLN A 37 12.96 -24.26 -20.58
C GLN A 37 13.67 -24.96 -21.72
N ARG A 38 13.67 -26.24 -21.73
CA ARG A 38 14.27 -26.98 -22.83
C ARG A 38 13.61 -26.78 -24.20
N CYS A 39 12.25 -26.72 -24.24
CA CYS A 39 11.54 -26.43 -25.47
C CYS A 39 11.93 -25.01 -25.90
N LYS A 40 11.84 -24.06 -24.99
CA LYS A 40 12.18 -22.63 -25.33
C LYS A 40 13.60 -22.53 -25.86
N ARG A 41 14.50 -23.27 -25.25
CA ARG A 41 15.91 -23.20 -25.66
C ARG A 41 16.16 -23.95 -26.93
N ASP A 42 15.85 -25.23 -26.97
CA ASP A 42 16.11 -26.06 -28.14
C ASP A 42 15.30 -25.64 -29.36
N LEU A 43 14.05 -25.22 -29.20
CA LEU A 43 13.30 -24.75 -30.39
C LEU A 43 13.60 -23.33 -30.74
N LYS A 44 14.43 -22.67 -29.93
CA LYS A 44 14.85 -21.28 -30.16
C LYS A 44 13.71 -20.32 -30.36
N SER A 45 12.71 -20.41 -29.50
CA SER A 45 11.52 -19.57 -29.60
C SER A 45 10.85 -19.52 -28.24
N GLY A 46 10.57 -18.33 -27.76
CA GLY A 46 9.83 -18.16 -26.51
C GLY A 46 8.39 -18.63 -26.59
N VAL A 47 7.81 -18.59 -27.79
CA VAL A 47 6.51 -19.11 -28.05
C VAL A 47 6.57 -20.44 -28.79
N PHE A 48 5.92 -21.45 -28.21
CA PHE A 48 6.09 -22.80 -28.67
C PHE A 48 4.88 -23.67 -28.25
N THR A 49 4.78 -24.83 -28.83
CA THR A 49 3.63 -25.74 -28.64
C THR A 49 4.08 -27.13 -28.14
N ILE A 50 3.36 -27.64 -27.17
CA ILE A 50 3.52 -28.96 -26.70
C ILE A 50 2.13 -29.58 -26.83
N SER A 51 2.10 -30.88 -26.61
CA SER A 51 0.92 -31.70 -26.66
C SER A 51 0.69 -32.30 -25.31
N ILE A 52 -0.53 -32.18 -24.79
CA ILE A 52 -0.94 -32.97 -23.62
C ILE A 52 -2.06 -33.90 -24.01
N GLY A 53 -1.72 -35.18 -24.20
CA GLY A 53 -2.71 -36.18 -24.60
C GLY A 53 -3.25 -35.95 -25.99
N GLY A 54 -2.51 -35.26 -26.85
CA GLY A 54 -3.04 -34.88 -28.18
C GLY A 54 -3.57 -33.45 -28.23
N GLN A 55 -3.83 -32.81 -27.10
CA GLN A 55 -4.35 -31.47 -27.13
C GLN A 55 -3.13 -30.55 -27.27
N ARG A 56 -3.16 -29.68 -28.29
CA ARG A 56 -2.16 -28.65 -28.49
C ARG A 56 -2.20 -27.61 -27.37
N VAL A 57 -1.05 -27.36 -26.76
CA VAL A 57 -0.96 -26.29 -25.81
C VAL A 57 0.19 -25.34 -26.22
N THR A 58 -0.16 -24.10 -26.51
CA THR A 58 0.79 -23.13 -27.01
C THR A 58 1.18 -22.21 -25.85
N ILE A 59 2.46 -22.16 -25.57
CA ILE A 59 2.97 -21.42 -24.38
C ILE A 59 3.66 -20.15 -24.82
N VAL A 60 3.22 -19.04 -24.23
CA VAL A 60 3.79 -17.72 -24.47
C VAL A 60 4.79 -17.53 -23.33
N GLY A 61 6.00 -18.03 -23.61
CA GLY A 61 7.11 -17.97 -22.71
C GLY A 61 8.10 -16.85 -23.01
N ASP A 62 7.71 -15.86 -23.80
CA ASP A 62 8.52 -14.66 -23.95
C ASP A 62 7.78 -13.53 -23.20
N PRO A 63 8.38 -13.02 -22.12
CA PRO A 63 7.76 -11.96 -21.34
C PRO A 63 7.47 -10.67 -22.12
N HIS A 64 8.16 -10.42 -23.24
CA HIS A 64 7.80 -9.26 -24.04
C HIS A 64 6.48 -9.49 -24.74
N GLU A 65 5.90 -10.71 -24.72
CA GLU A 65 4.63 -10.99 -25.38
C GLU A 65 3.54 -11.33 -24.39
N HIS A 66 3.77 -11.08 -23.12
CA HIS A 66 2.77 -11.38 -22.12
C HIS A 66 1.41 -10.73 -22.45
N SER A 67 1.38 -9.52 -22.99
CA SER A 67 0.09 -8.84 -23.14
C SER A 67 -0.81 -9.47 -24.23
N ARG A 68 -0.19 -10.23 -25.12
CA ARG A 68 -0.92 -10.96 -26.19
C ARG A 68 -1.64 -12.15 -25.58
N PHE A 69 -1.26 -12.51 -24.35
CA PHE A 69 -2.08 -13.48 -23.58
C PHE A 69 -3.12 -12.74 -22.72
N PHE A 70 -2.68 -11.76 -21.93
CA PHE A 70 -3.55 -11.18 -20.91
C PHE A 70 -4.60 -10.19 -21.40
N SER A 71 -4.44 -9.66 -22.60
CA SER A 71 -5.31 -8.53 -23.11
C SER A 71 -6.51 -8.88 -23.95
N PRO A 72 -6.42 -9.87 -24.85
CA PRO A 72 -7.64 -10.18 -25.65
C PRO A 72 -8.88 -10.46 -24.85
N ARG A 73 -10.02 -10.13 -25.45
CA ARG A 73 -11.25 -10.19 -24.75
C ARG A 73 -11.60 -11.66 -24.57
N ASN A 74 -12.56 -11.94 -23.70
CA ASN A 74 -12.98 -13.30 -23.42
C ASN A 74 -13.50 -14.14 -24.60
N GLU A 75 -14.10 -13.46 -25.58
CA GLU A 75 -14.65 -14.15 -26.76
C GLU A 75 -13.57 -14.57 -27.73
N ILE A 76 -12.35 -14.09 -27.54
CA ILE A 76 -11.20 -14.54 -28.30
C ILE A 76 -10.36 -15.61 -27.48
N LEU A 77 -10.00 -15.27 -26.26
CA LEU A 77 -9.28 -16.18 -25.35
C LEU A 77 -10.12 -16.39 -24.11
N SER A 78 -10.75 -17.55 -24.08
CA SER A 78 -11.87 -17.80 -23.15
C SER A 78 -11.44 -18.71 -22.00
N PRO A 79 -11.57 -18.23 -20.75
CA PRO A 79 -11.35 -19.08 -19.63
C PRO A 79 -12.42 -20.14 -19.39
N ARG A 80 -13.62 -19.96 -19.91
CA ARG A 80 -14.73 -20.88 -19.56
C ARG A 80 -14.37 -22.35 -19.77
N GLU A 81 -13.81 -22.64 -20.92
CA GLU A 81 -13.63 -23.99 -21.37
C GLU A 81 -12.53 -24.67 -20.61
N VAL A 82 -11.50 -23.95 -20.22
CA VAL A 82 -10.46 -24.57 -19.47
C VAL A 82 -10.96 -24.92 -18.05
N TYR A 83 -11.92 -24.17 -17.52
CA TYR A 83 -12.31 -24.36 -16.13
C TYR A 83 -13.66 -25.03 -15.86
N THR A 84 -14.16 -25.80 -16.81
CA THR A 84 -15.45 -26.46 -16.64
C THR A 84 -15.38 -27.50 -15.54
N ILE A 85 -14.21 -28.06 -15.25
CA ILE A 85 -14.06 -28.93 -14.09
C ILE A 85 -14.47 -28.29 -12.78
N MET A 86 -14.42 -26.95 -12.68
CA MET A 86 -14.83 -26.28 -11.46
C MET A 86 -16.33 -26.15 -11.31
N THR A 87 -17.10 -26.45 -12.36
CA THR A 87 -18.58 -26.25 -12.32
C THR A 87 -19.27 -26.91 -11.13
N PRO A 88 -18.92 -28.15 -10.81
CA PRO A 88 -19.44 -28.76 -9.58
C PRO A 88 -19.02 -28.09 -8.33
N VAL A 89 -17.92 -27.36 -8.32
CA VAL A 89 -17.48 -26.71 -7.12
C VAL A 89 -18.16 -25.34 -6.97
N PHE A 90 -17.94 -24.44 -7.92
CA PHE A 90 -18.54 -23.11 -7.84
C PHE A 90 -20.05 -23.08 -8.09
N GLY A 91 -20.54 -24.06 -8.87
CA GLY A 91 -21.94 -24.22 -9.18
C GLY A 91 -22.29 -23.88 -10.62
N GLU A 92 -23.36 -24.48 -11.16
CA GLU A 92 -23.83 -24.10 -12.52
C GLU A 92 -24.21 -22.61 -12.56
N GLY A 93 -23.95 -21.93 -13.65
CA GLY A 93 -24.26 -20.50 -13.77
C GLY A 93 -23.37 -19.61 -12.92
N VAL A 94 -22.29 -20.14 -12.35
CA VAL A 94 -21.47 -19.37 -11.41
C VAL A 94 -20.08 -19.20 -12.01
N ALA A 95 -19.58 -17.98 -11.89
CA ALA A 95 -18.24 -17.66 -12.29
C ALA A 95 -18.07 -17.94 -13.78
N TYR A 96 -17.21 -18.90 -14.10
CA TYR A 96 -16.85 -19.26 -15.51
C TYR A 96 -17.99 -19.78 -16.37
N ALA A 97 -18.80 -20.61 -15.70
CA ALA A 97 -20.05 -21.13 -16.18
C ALA A 97 -21.15 -20.06 -16.49
N ALA A 98 -21.06 -18.82 -16.00
CA ALA A 98 -22.03 -17.74 -16.35
C ALA A 98 -21.65 -17.17 -17.72
N PRO A 99 -22.60 -16.53 -18.44
CA PRO A 99 -22.21 -15.66 -19.58
C PRO A 99 -21.10 -14.69 -19.14
N TYR A 100 -20.21 -14.24 -20.03
CA TYR A 100 -19.03 -13.48 -19.55
C TYR A 100 -19.33 -12.19 -18.79
N PRO A 101 -20.35 -11.43 -19.22
CA PRO A 101 -20.62 -10.15 -18.48
C PRO A 101 -21.11 -10.39 -17.07
N ARG A 102 -21.85 -11.47 -16.89
CA ARG A 102 -22.40 -11.80 -15.58
C ARG A 102 -21.31 -12.38 -14.73
N MET A 103 -20.44 -13.18 -15.34
CA MET A 103 -19.26 -13.62 -14.62
C MET A 103 -18.47 -12.45 -14.02
N ARG A 104 -18.23 -11.45 -14.83
CA ARG A 104 -17.48 -10.24 -14.41
C ARG A 104 -18.20 -9.51 -13.28
N GLU A 105 -19.52 -9.37 -13.37
CA GLU A 105 -20.33 -8.78 -12.25
C GLU A 105 -20.08 -9.53 -10.98
N GLN A 106 -20.06 -10.85 -11.07
CA GLN A 106 -19.96 -11.72 -9.89
C GLN A 106 -18.59 -11.56 -9.26
N LEU A 107 -17.56 -11.61 -10.10
CA LEU A 107 -16.15 -11.56 -9.59
C LEU A 107 -15.88 -10.19 -9.03
N ASN A 108 -16.40 -9.15 -9.67
CA ASN A 108 -16.29 -7.78 -9.13
C ASN A 108 -16.96 -7.66 -7.79
N PHE A 109 -18.14 -8.27 -7.58
CA PHE A 109 -18.74 -8.19 -6.24
C PHE A 109 -17.84 -8.89 -5.23
N LEU A 110 -17.30 -10.03 -5.62
CA LEU A 110 -16.40 -10.71 -4.67
C LEU A 110 -15.11 -9.85 -4.41
N ALA A 111 -14.57 -9.27 -5.47
CA ALA A 111 -13.39 -8.42 -5.33
C ALA A 111 -13.61 -7.34 -4.31
N GLU A 112 -14.79 -6.73 -4.32
CA GLU A 112 -15.11 -5.63 -3.41
C GLU A 112 -15.08 -6.08 -1.98
N GLU A 113 -15.31 -7.34 -1.74
CA GLU A 113 -15.30 -7.83 -0.38
C GLU A 113 -13.91 -8.10 0.13
N LEU A 114 -12.94 -8.00 -0.77
CA LEU A 114 -11.54 -8.30 -0.47
C LEU A 114 -10.65 -7.09 -0.70
N THR A 115 -11.22 -5.88 -0.77
CA THR A 115 -10.42 -4.66 -0.88
C THR A 115 -9.97 -4.09 0.48
N ILE A 116 -9.15 -3.03 0.44
CA ILE A 116 -8.61 -2.41 1.63
C ILE A 116 -9.70 -1.78 2.50
N ALA A 117 -10.88 -1.54 1.94
CA ALA A 117 -11.93 -0.93 2.68
C ALA A 117 -12.34 -1.91 3.77
N LYS A 118 -12.18 -3.20 3.52
CA LYS A 118 -12.71 -4.24 4.42
C LYS A 118 -11.74 -4.65 5.47
N PHE A 119 -10.51 -4.14 5.41
CA PHE A 119 -9.39 -4.70 6.18
C PHE A 119 -9.20 -4.10 7.55
N GLN A 120 -10.03 -3.15 7.92
CA GLN A 120 -9.76 -2.34 9.13
C GLN A 120 -9.45 -3.22 10.34
N ASN A 121 -10.27 -4.25 10.56
CA ASN A 121 -10.10 -5.15 11.69
C ASN A 121 -9.41 -6.47 11.39
N PHE A 122 -8.97 -6.67 10.15
CA PHE A 122 -8.39 -7.95 9.78
C PHE A 122 -7.09 -8.28 10.50
N VAL A 123 -6.22 -7.31 10.64
CA VAL A 123 -4.89 -7.58 11.21
C VAL A 123 -4.99 -8.09 12.64
N PRO A 124 -5.82 -7.46 13.51
CA PRO A 124 -6.00 -8.04 14.85
C PRO A 124 -6.62 -9.41 14.80
N ALA A 125 -7.58 -9.58 13.91
CA ALA A 125 -8.22 -10.89 13.79
C ALA A 125 -7.23 -11.98 13.37
N ILE A 126 -6.33 -11.62 12.46
CA ILE A 126 -5.34 -12.57 11.92
C ILE A 126 -4.33 -12.83 13.01
N GLN A 127 -3.84 -11.74 13.63
CA GLN A 127 -2.85 -11.88 14.70
C GLN A 127 -3.35 -12.72 15.86
N HIS A 128 -4.57 -12.46 16.32
CA HIS A 128 -5.13 -13.17 17.48
C HIS A 128 -5.21 -14.66 17.17
N GLU A 129 -5.67 -14.99 15.99
CA GLU A 129 -5.78 -16.39 15.61
C GLU A 129 -4.40 -17.09 15.49
N VAL A 130 -3.42 -16.39 14.93
CA VAL A 130 -2.08 -16.93 14.80
C VAL A 130 -1.49 -17.21 16.18
N ARG A 131 -1.69 -16.28 17.13
CA ARG A 131 -1.15 -16.46 18.49
C ARG A 131 -1.83 -17.64 19.15
N LYS A 132 -3.11 -17.81 18.88
CA LYS A 132 -3.88 -18.90 19.43
C LYS A 132 -3.28 -20.21 18.96
N PHE A 133 -2.94 -20.26 17.67
CA PHE A 133 -2.38 -21.42 17.09
C PHE A 133 -1.00 -21.81 17.68
N MET A 134 -0.13 -20.83 17.80
CA MET A 134 1.19 -21.07 18.31
C MET A 134 1.10 -21.47 19.80
N ALA A 135 0.23 -20.80 20.53
CA ALA A 135 -0.01 -21.17 21.94
C ALA A 135 -0.52 -22.60 22.08
N GLU A 136 -1.43 -23.03 21.22
CA GLU A 136 -1.87 -24.42 21.31
C GLU A 136 -0.85 -25.39 20.79
N ASN A 137 -0.10 -25.04 19.73
CA ASN A 137 0.68 -26.07 18.99
C ASN A 137 2.17 -25.92 19.08
N TRP A 138 2.68 -24.75 19.41
CA TRP A 138 4.12 -24.58 19.56
C TRP A 138 4.49 -24.20 21.00
N LYS A 139 4.10 -25.08 21.93
CA LYS A 139 4.07 -24.77 23.38
C LYS A 139 5.40 -24.70 24.07
N GLU A 140 6.33 -25.59 23.75
CA GLU A 140 7.49 -25.77 24.63
C GLU A 140 8.49 -24.64 24.36
N ASP A 141 9.70 -24.76 24.85
CA ASP A 141 10.73 -23.82 24.44
C ASP A 141 11.27 -24.18 23.06
N GLU A 142 11.03 -25.39 22.61
CA GLU A 142 11.43 -25.77 21.29
C GLU A 142 10.71 -27.04 20.94
N GLY A 143 10.54 -27.30 19.65
CA GLY A 143 9.76 -28.42 19.12
C GLY A 143 9.90 -28.55 17.61
N VAL A 144 9.53 -29.70 17.08
CA VAL A 144 9.65 -29.98 15.67
C VAL A 144 8.22 -29.96 15.09
N ILE A 145 8.02 -29.26 13.98
CA ILE A 145 6.70 -29.17 13.35
C ILE A 145 6.81 -29.35 11.87
N ASN A 146 5.72 -29.68 11.21
CA ASN A 146 5.77 -29.64 9.76
C ASN A 146 5.27 -28.26 9.36
N LEU A 147 6.12 -27.47 8.75
CA LEU A 147 5.75 -26.05 8.57
C LEU A 147 4.65 -25.89 7.52
N LEU A 148 4.72 -26.67 6.44
CA LEU A 148 3.69 -26.63 5.43
C LEU A 148 2.31 -26.91 6.04
N GLU A 149 2.19 -27.93 6.87
CA GLU A 149 0.92 -28.26 7.52
C GLU A 149 0.44 -27.15 8.43
N ASP A 150 1.35 -26.63 9.25
CA ASP A 150 0.90 -25.61 10.26
C ASP A 150 0.48 -24.31 9.57
N CYS A 151 1.22 -23.87 8.54
CA CYS A 151 0.86 -22.70 7.76
C CYS A 151 -0.54 -22.84 7.15
N GLY A 152 -0.85 -24.03 6.64
CA GLY A 152 -2.13 -24.38 6.13
C GLY A 152 -3.22 -24.16 7.14
N ALA A 153 -3.01 -24.71 8.33
CA ALA A 153 -3.97 -24.53 9.38
C ALA A 153 -4.13 -23.03 9.69
N MET A 154 -3.01 -22.32 9.79
CA MET A 154 -3.11 -20.88 10.10
C MET A 154 -3.82 -20.06 9.01
N ILE A 155 -3.60 -20.40 7.75
CA ILE A 155 -4.24 -19.70 6.65
C ILE A 155 -5.77 -19.84 6.70
N ILE A 156 -6.29 -21.04 6.87
CA ILE A 156 -7.72 -21.25 6.91
C ILE A 156 -8.29 -20.64 8.21
N ASN A 157 -7.59 -20.80 9.34
CA ASN A 157 -8.14 -20.26 10.61
C ASN A 157 -8.21 -18.77 10.60
N THR A 158 -7.14 -18.12 10.16
CA THR A 158 -7.13 -16.66 9.99
C THR A 158 -8.13 -16.15 8.94
N ALA A 159 -8.23 -16.81 7.77
CA ALA A 159 -9.21 -16.34 6.77
C ALA A 159 -10.67 -16.42 7.32
N CYS A 160 -11.02 -17.49 8.00
CA CYS A 160 -12.37 -17.57 8.59
C CYS A 160 -12.62 -16.49 9.64
N GLN A 161 -11.60 -16.20 10.43
CA GLN A 161 -11.71 -15.18 11.45
C GLN A 161 -11.91 -13.83 10.81
N CYS A 162 -11.25 -13.60 9.69
CA CYS A 162 -11.44 -12.35 8.98
C CYS A 162 -12.77 -12.24 8.33
N LEU A 163 -13.26 -13.33 7.71
CA LEU A 163 -14.26 -13.21 6.67
C LEU A 163 -15.63 -13.65 7.09
N PHE A 164 -15.72 -14.43 8.16
CA PHE A 164 -17.00 -14.94 8.56
C PHE A 164 -17.37 -14.40 9.91
N GLY A 165 -18.58 -13.90 10.06
CA GLY A 165 -19.09 -13.46 11.37
C GLY A 165 -19.25 -14.65 12.30
N GLU A 166 -19.27 -14.35 13.59
CA GLU A 166 -19.35 -15.35 14.65
C GLU A 166 -20.51 -16.32 14.52
N ASP A 167 -21.68 -15.83 14.08
CA ASP A 167 -22.81 -16.73 13.90
C ASP A 167 -22.47 -17.82 12.85
N LEU A 168 -21.81 -17.41 11.76
CA LEU A 168 -21.40 -18.39 10.73
C LEU A 168 -20.42 -19.36 11.35
N ARG A 169 -19.42 -18.84 12.05
CA ARG A 169 -18.30 -19.63 12.53
C ARG A 169 -18.73 -20.60 13.60
N LYS A 170 -19.91 -20.34 14.17
CA LYS A 170 -20.52 -21.20 15.14
C LYS A 170 -21.25 -22.37 14.51
N ARG A 171 -21.73 -22.23 13.28
CA ARG A 171 -22.30 -23.33 12.52
C ARG A 171 -21.26 -24.06 11.65
N LEU A 172 -20.12 -23.42 11.43
CA LEU A 172 -19.13 -23.90 10.47
C LEU A 172 -17.73 -23.42 10.84
N ASN A 173 -17.07 -24.15 11.71
CA ASN A 173 -15.76 -23.78 12.12
C ASN A 173 -14.71 -24.07 11.02
N ALA A 174 -13.50 -23.59 11.27
CA ALA A 174 -12.43 -23.70 10.30
C ALA A 174 -12.14 -25.16 9.85
N ARG A 175 -12.23 -26.09 10.80
CA ARG A 175 -11.92 -27.49 10.55
C ARG A 175 -13.03 -28.13 9.67
N HIS A 176 -14.28 -27.98 10.06
CA HIS A 176 -15.43 -28.28 9.24
C HIS A 176 -15.33 -27.61 7.81
N PHE A 177 -14.93 -26.33 7.73
CA PHE A 177 -14.82 -25.68 6.42
C PHE A 177 -13.73 -26.39 5.62
N ALA A 178 -12.54 -26.56 6.21
CA ALA A 178 -11.43 -27.33 5.62
C ALA A 178 -11.83 -28.65 5.10
N GLN A 179 -12.61 -29.40 5.85
CA GLN A 179 -13.03 -30.72 5.37
C GLN A 179 -13.94 -30.64 4.17
N LEU A 180 -14.85 -29.65 4.16
CA LEU A 180 -15.77 -29.51 3.05
C LEU A 180 -15.00 -29.16 1.79
N LEU A 181 -14.11 -28.20 1.88
CA LEU A 181 -13.21 -27.86 0.78
C LEU A 181 -12.40 -29.03 0.28
N SER A 182 -11.83 -29.79 1.20
CA SER A 182 -11.07 -30.98 0.83
C SER A 182 -11.86 -32.00 0.03
N LYS A 183 -13.13 -32.21 0.35
CA LYS A 183 -13.97 -33.10 -0.45
C LYS A 183 -14.29 -32.56 -1.83
N MET A 184 -14.47 -31.25 -1.94
CA MET A 184 -14.72 -30.64 -3.22
C MET A 184 -13.46 -30.72 -4.02
N GLU A 185 -12.32 -30.51 -3.38
CA GLU A 185 -11.06 -30.50 -4.12
C GLU A 185 -10.56 -31.88 -4.55
N SER A 186 -10.71 -32.89 -3.69
CA SER A 186 -10.22 -34.20 -4.00
C SER A 186 -11.02 -34.81 -5.11
N SER A 187 -12.20 -34.32 -5.41
CA SER A 187 -12.92 -34.78 -6.60
C SER A 187 -12.29 -34.39 -7.96
N LEU A 188 -11.42 -33.40 -8.01
CA LEU A 188 -11.04 -32.80 -9.27
C LEU A 188 -9.95 -33.61 -9.95
N ILE A 189 -10.03 -33.68 -11.27
CA ILE A 189 -8.94 -34.21 -12.07
C ILE A 189 -8.28 -33.05 -12.85
N PRO A 190 -7.12 -32.55 -12.37
CA PRO A 190 -6.52 -31.34 -12.94
C PRO A 190 -6.27 -31.52 -14.45
N ALA A 191 -5.81 -32.72 -14.83
CA ALA A 191 -5.50 -32.97 -16.23
C ALA A 191 -6.71 -32.98 -17.17
N ALA A 192 -7.93 -33.04 -16.64
CA ALA A 192 -9.15 -33.06 -17.46
C ALA A 192 -9.35 -31.70 -18.10
N VAL A 193 -8.62 -30.72 -17.62
CA VAL A 193 -8.51 -29.46 -18.38
C VAL A 193 -8.05 -29.70 -19.82
N PHE A 194 -7.11 -30.62 -20.00
CA PHE A 194 -6.65 -30.97 -21.34
C PHE A 194 -7.32 -32.20 -21.95
N MET A 195 -7.69 -33.16 -21.10
CA MET A 195 -8.22 -34.48 -21.53
C MET A 195 -9.50 -34.76 -20.78
N PRO A 196 -10.61 -34.21 -21.28
CA PRO A 196 -11.84 -34.33 -20.55
C PRO A 196 -12.29 -35.81 -20.45
N TRP A 197 -11.88 -36.66 -21.38
CA TRP A 197 -12.23 -38.07 -21.24
C TRP A 197 -11.81 -38.74 -19.93
N LEU A 198 -10.86 -38.14 -19.16
CA LEU A 198 -10.38 -38.76 -17.92
C LEU A 198 -11.48 -38.86 -16.93
N LEU A 199 -12.51 -38.04 -17.10
CA LEU A 199 -13.74 -38.06 -16.26
C LEU A 199 -14.48 -39.40 -16.33
N ARG A 200 -14.17 -40.16 -17.37
CA ARG A 200 -14.84 -41.44 -17.61
C ARG A 200 -14.22 -42.60 -16.83
N LEU A 201 -13.06 -42.37 -16.17
CA LEU A 201 -12.33 -43.43 -15.55
C LEU A 201 -12.85 -43.65 -14.18
N PRO A 202 -12.88 -44.90 -13.76
CA PRO A 202 -13.33 -45.17 -12.42
C PRO A 202 -12.47 -44.60 -11.30
N LEU A 203 -13.15 -44.29 -10.19
CA LEU A 203 -12.57 -43.72 -8.98
C LEU A 203 -12.36 -44.76 -7.88
N PRO A 204 -11.38 -44.50 -6.99
CA PRO A 204 -11.10 -45.40 -5.92
C PRO A 204 -12.28 -45.42 -4.95
N GLN A 205 -12.99 -44.30 -4.87
CA GLN A 205 -14.16 -44.21 -3.99
C GLN A 205 -15.05 -43.09 -4.51
N SER A 206 -16.28 -43.02 -4.04
CA SER A 206 -17.22 -42.07 -4.62
C SER A 206 -16.79 -40.68 -4.22
N ALA A 207 -16.98 -39.76 -5.13
CA ALA A 207 -16.74 -38.33 -4.91
C ALA A 207 -17.81 -37.77 -3.98
N ARG A 208 -17.43 -36.73 -3.24
CA ARG A 208 -18.28 -36.12 -2.26
C ARG A 208 -18.35 -34.59 -2.43
N CYS A 209 -18.05 -34.11 -3.64
CA CYS A 209 -18.09 -32.69 -3.92
C CYS A 209 -19.53 -32.18 -3.97
N ARG A 210 -20.44 -32.86 -4.64
CA ARG A 210 -21.86 -32.46 -4.65
C ARG A 210 -22.47 -32.34 -3.25
N GLU A 211 -22.22 -33.34 -2.44
CA GLU A 211 -22.60 -33.36 -1.03
C GLU A 211 -22.02 -32.21 -0.21
N ALA A 212 -20.69 -32.06 -0.24
CA ALA A 212 -20.08 -31.03 0.53
C ALA A 212 -20.59 -29.64 0.13
N ARG A 213 -20.80 -29.43 -1.15
CA ARG A 213 -21.18 -28.11 -1.61
C ARG A 213 -22.61 -27.85 -1.10
N ALA A 214 -23.52 -28.81 -1.32
CA ALA A 214 -24.89 -28.70 -0.82
C ALA A 214 -24.96 -28.51 0.68
N GLU A 215 -24.13 -29.20 1.44
CA GLU A 215 -24.11 -28.95 2.88
C GLU A 215 -23.69 -27.52 3.25
N LEU A 216 -22.72 -26.99 2.54
CA LEU A 216 -22.34 -25.60 2.73
C LEU A 216 -23.47 -24.65 2.39
N GLN A 217 -24.11 -24.88 1.27
CA GLN A 217 -25.11 -23.96 0.87
C GLN A 217 -26.28 -24.01 1.86
N LYS A 218 -26.63 -25.19 2.32
CA LYS A 218 -27.67 -25.34 3.33
C LYS A 218 -27.35 -24.58 4.62
N ILE A 219 -26.10 -24.65 5.07
CA ILE A 219 -25.74 -23.92 6.28
C ILE A 219 -25.87 -22.42 6.04
N LEU A 220 -25.43 -21.93 4.88
CA LEU A 220 -25.51 -20.48 4.63
C LEU A 220 -26.96 -19.99 4.61
N GLY A 221 -27.81 -20.77 3.96
CA GLY A 221 -29.24 -20.59 3.93
C GLY A 221 -29.83 -20.42 5.33
N GLU A 222 -29.46 -21.33 6.26
CA GLU A 222 -29.87 -21.22 7.68
C GLU A 222 -29.32 -20.00 8.41
N ILE A 223 -28.06 -19.67 8.15
CA ILE A 223 -27.51 -18.47 8.69
C ILE A 223 -28.32 -17.23 8.24
N ILE A 224 -28.66 -17.16 6.96
CA ILE A 224 -29.38 -16.03 6.46
C ILE A 224 -30.79 -15.90 7.09
N VAL A 225 -31.55 -16.98 7.13
CA VAL A 225 -32.85 -17.00 7.81
C VAL A 225 -32.74 -16.46 9.24
N ALA A 226 -31.76 -16.96 10.01
CA ALA A 226 -31.57 -16.48 11.38
C ALA A 226 -31.21 -14.98 11.39
N ARG A 227 -30.42 -14.51 10.42
CA ARG A 227 -30.05 -13.06 10.40
C ARG A 227 -31.25 -12.17 10.04
N GLU A 228 -32.02 -12.60 9.05
CA GLU A 228 -33.28 -11.90 8.70
C GLU A 228 -34.17 -11.67 9.91
N LYS A 229 -34.19 -12.65 10.82
CA LYS A 229 -35.03 -12.62 12.01
C LYS A 229 -34.54 -11.74 13.15
N GLU A 230 -33.24 -11.68 13.42
CA GLU A 230 -32.73 -10.79 14.49
C GLU A 230 -32.86 -9.30 14.06
N GLU A 231 -32.46 -8.98 12.82
CA GLU A 231 -32.63 -7.63 12.22
C GLU A 231 -33.55 -7.76 11.01
N THR A 238 -24.41 -8.93 8.66
CA THR A 238 -24.49 -7.62 7.99
C THR A 238 -23.19 -7.11 7.26
N SER A 239 -22.00 -7.23 7.88
CA SER A 239 -20.81 -6.76 7.15
C SER A 239 -19.63 -7.77 7.04
N ASP A 240 -19.87 -9.05 7.28
CA ASP A 240 -18.93 -10.11 6.90
C ASP A 240 -19.02 -10.36 5.38
N LEU A 241 -18.25 -11.29 4.88
CA LEU A 241 -18.19 -11.54 3.44
C LEU A 241 -19.57 -11.93 2.90
N LEU A 242 -20.18 -12.86 3.61
CA LEU A 242 -21.55 -13.30 3.32
C LEU A 242 -22.51 -12.08 3.29
N GLY A 243 -22.48 -11.29 4.35
CA GLY A 243 -23.37 -10.13 4.48
C GLY A 243 -23.23 -9.16 3.36
N GLY A 244 -21.97 -8.93 2.96
CA GLY A 244 -21.65 -8.13 1.80
C GLY A 244 -22.21 -8.68 0.51
N LEU A 245 -22.02 -9.97 0.29
CA LEU A 245 -22.45 -10.57 -0.98
C LEU A 245 -23.96 -10.56 -1.13
N LEU A 246 -24.65 -10.68 -0.03
CA LEU A 246 -26.10 -10.55 0.04
C LEU A 246 -26.65 -9.18 -0.33
N LYS A 247 -25.84 -8.12 -0.31
CA LYS A 247 -26.26 -6.83 -0.86
C LYS A 247 -26.03 -6.65 -2.32
N ALA A 248 -25.39 -7.62 -2.99
CA ALA A 248 -25.03 -7.45 -4.38
C ALA A 248 -26.27 -7.53 -5.23
N VAL A 249 -26.42 -6.54 -6.09
CA VAL A 249 -27.50 -6.45 -7.01
C VAL A 249 -26.97 -6.28 -8.42
N TYR A 250 -27.30 -7.20 -9.31
CA TYR A 250 -26.78 -7.08 -10.63
C TYR A 250 -27.35 -5.87 -11.38
N ARG A 251 -26.84 -5.58 -12.56
CA ARG A 251 -27.34 -4.47 -13.35
C ARG A 251 -28.75 -4.62 -13.81
N ASP A 252 -29.20 -5.87 -13.96
CA ASP A 252 -30.55 -6.15 -14.39
C ASP A 252 -31.56 -6.03 -13.31
N GLY A 253 -31.18 -5.62 -12.08
CA GLY A 253 -32.12 -5.41 -10.98
C GLY A 253 -32.33 -6.65 -10.09
N THR A 254 -31.58 -7.74 -10.31
CA THR A 254 -31.78 -8.98 -9.53
C THR A 254 -30.65 -9.14 -8.51
N ARG A 255 -31.02 -9.60 -7.33
CA ARG A 255 -30.10 -9.93 -6.28
C ARG A 255 -29.24 -11.18 -6.62
N MET A 256 -28.00 -11.20 -6.19
CA MET A 256 -27.17 -12.41 -6.27
C MET A 256 -27.93 -13.46 -5.47
N SER A 257 -28.09 -14.64 -6.05
CA SER A 257 -28.89 -15.71 -5.41
C SER A 257 -28.04 -16.45 -4.37
N LEU A 258 -28.70 -17.16 -3.49
CA LEU A 258 -28.00 -17.96 -2.47
C LEU A 258 -26.99 -18.95 -3.11
N HIS A 259 -27.35 -19.59 -4.21
CA HIS A 259 -26.46 -20.48 -4.95
C HIS A 259 -25.20 -19.74 -5.45
N GLU A 260 -25.38 -18.51 -5.92
CA GLU A 260 -24.27 -17.69 -6.40
C GLU A 260 -23.42 -17.23 -5.25
N VAL A 261 -24.04 -16.84 -4.15
CA VAL A 261 -23.29 -16.39 -3.01
C VAL A 261 -22.41 -17.54 -2.45
N CYS A 262 -23.02 -18.71 -2.36
CA CYS A 262 -22.29 -19.87 -1.90
C CYS A 262 -21.05 -20.06 -2.80
N GLY A 263 -21.27 -20.08 -4.10
CA GLY A 263 -20.24 -20.27 -5.10
C GLY A 263 -19.12 -19.29 -4.96
N MET A 264 -19.42 -18.01 -4.75
CA MET A 264 -18.37 -17.01 -4.55
C MET A 264 -17.53 -17.22 -3.30
N ILE A 265 -18.22 -17.54 -2.24
CA ILE A 265 -17.56 -17.88 -1.00
C ILE A 265 -16.63 -19.12 -1.17
N VAL A 266 -17.12 -20.14 -1.86
CA VAL A 266 -16.25 -21.27 -2.17
C VAL A 266 -15.04 -20.79 -2.98
N ALA A 267 -15.24 -19.97 -4.00
CA ALA A 267 -14.12 -19.52 -4.81
C ALA A 267 -13.11 -18.85 -3.93
N ALA A 268 -13.60 -18.14 -2.92
CA ALA A 268 -12.72 -17.30 -2.09
C ALA A 268 -11.79 -18.13 -1.23
N MET A 269 -12.42 -19.05 -0.50
CA MET A 269 -11.72 -19.93 0.38
C MET A 269 -10.89 -20.95 -0.39
N PHE A 270 -11.41 -21.43 -1.52
CA PHE A 270 -10.71 -22.46 -2.27
C PHE A 270 -9.38 -21.88 -2.87
N ALA A 271 -9.48 -20.65 -3.35
CA ALA A 271 -8.41 -20.04 -4.13
C ALA A 271 -7.24 -19.74 -3.25
N GLY A 272 -7.53 -19.33 -2.04
CA GLY A 272 -6.47 -18.97 -1.12
C GLY A 272 -5.89 -20.09 -0.29
N GLN A 273 -6.54 -21.25 -0.16
N GLN A 273 -6.55 -21.25 -0.21
CA GLN A 273 -6.08 -22.24 0.83
CA GLN A 273 -6.17 -22.31 0.74
C GLN A 273 -4.69 -22.88 0.55
C GLN A 273 -4.76 -22.92 0.54
N HIS A 274 -4.38 -23.21 -0.71
CA HIS A 274 -3.06 -23.74 -1.00
C HIS A 274 -2.10 -22.60 -1.43
N THR A 275 -2.53 -21.68 -2.27
CA THR A 275 -1.68 -20.61 -2.72
C THR A 275 -1.02 -19.84 -1.55
N SER A 276 -1.84 -19.45 -0.59
CA SER A 276 -1.39 -18.61 0.51
C SER A 276 -0.57 -19.36 1.53
N THR A 277 -0.95 -20.60 1.77
CA THR A 277 -0.22 -21.50 2.61
C THR A 277 1.22 -21.67 2.10
N ILE A 278 1.30 -21.98 0.81
CA ILE A 278 2.55 -22.26 0.17
C ILE A 278 3.45 -21.06 0.13
N THR A 279 2.88 -19.91 -0.15
CA THR A 279 3.60 -18.68 -0.18
C THR A 279 4.17 -18.33 1.23
N THR A 280 3.36 -18.49 2.23
CA THR A 280 3.79 -18.34 3.61
C THR A 280 4.98 -19.24 3.91
N SER A 281 4.83 -20.51 3.54
CA SER A 281 5.81 -21.53 3.86
C SER A 281 7.11 -21.29 3.18
N TRP A 282 7.09 -20.96 1.91
CA TRP A 282 8.34 -20.70 1.20
C TRP A 282 9.05 -19.49 1.84
N SER A 283 8.27 -18.48 2.21
CA SER A 283 8.78 -17.26 2.71
C SER A 283 9.61 -17.53 3.97
N MET A 284 9.03 -18.29 4.87
CA MET A 284 9.68 -18.69 6.11
C MET A 284 10.87 -19.60 5.89
N LEU A 285 10.73 -20.57 5.01
CA LEU A 285 11.78 -21.49 4.66
C LEU A 285 13.03 -20.74 4.15
N HIS A 286 12.87 -19.80 3.24
CA HIS A 286 14.03 -19.01 2.81
C HIS A 286 14.57 -18.21 4.00
N LEU A 287 13.68 -17.48 4.65
CA LEU A 287 14.12 -16.55 5.67
C LEU A 287 14.88 -17.24 6.78
N MET A 288 14.51 -18.50 7.08
CA MET A 288 15.21 -19.22 8.15
C MET A 288 16.48 -19.92 7.74
N HIS A 289 16.74 -20.09 6.43
CA HIS A 289 17.99 -20.75 6.00
C HIS A 289 19.19 -19.87 6.30
N PRO A 290 20.29 -20.48 6.79
CA PRO A 290 21.49 -19.77 7.19
C PRO A 290 22.02 -18.84 6.13
N LYS A 291 21.98 -19.20 4.85
CA LYS A 291 22.56 -18.34 3.83
C LYS A 291 21.80 -17.02 3.75
N ASN A 292 20.58 -16.97 4.27
CA ASN A 292 19.74 -15.79 4.17
C ASN A 292 19.65 -15.01 5.46
N LYS A 293 20.66 -15.16 6.32
CA LYS A 293 20.71 -14.44 7.58
C LYS A 293 20.60 -12.95 7.33
N LYS A 294 21.32 -12.46 6.33
CA LYS A 294 21.27 -11.03 6.02
C LYS A 294 19.83 -10.51 5.78
N TRP A 295 18.97 -11.37 5.18
CA TRP A 295 17.57 -11.04 4.92
C TRP A 295 16.71 -11.18 6.16
N LEU A 296 16.93 -12.21 6.95
CA LEU A 296 16.17 -12.28 8.22
C LEU A 296 16.55 -11.08 9.12
N ASP A 297 17.81 -10.64 9.08
CA ASP A 297 18.23 -9.51 9.90
C ASP A 297 17.46 -8.29 9.48
N LYS A 298 17.30 -8.10 8.17
CA LYS A 298 16.50 -7.01 7.60
C LYS A 298 15.04 -7.06 7.98
N LEU A 299 14.47 -8.26 7.97
CA LEU A 299 13.11 -8.42 8.43
C LEU A 299 13.02 -8.00 9.89
N HIS A 300 13.98 -8.38 10.71
CA HIS A 300 13.91 -7.94 12.10
C HIS A 300 14.08 -6.46 12.22
N LYS A 301 14.98 -5.85 11.44
CA LYS A 301 15.06 -4.37 11.49
C LYS A 301 13.70 -3.78 11.26
N GLU A 302 12.95 -4.33 10.30
CA GLU A 302 11.70 -3.71 9.92
C GLU A 302 10.56 -3.96 10.92
N ILE A 303 10.49 -5.15 11.52
CA ILE A 303 9.39 -5.41 12.45
C ILE A 303 9.73 -5.19 13.94
N ASP A 304 10.98 -5.05 14.31
CA ASP A 304 11.36 -5.14 15.76
C ASP A 304 10.80 -3.97 16.62
N GLU A 305 10.50 -2.83 16.04
CA GLU A 305 9.89 -1.71 16.78
C GLU A 305 8.38 -1.69 16.69
N PHE A 306 7.80 -2.74 16.12
CA PHE A 306 6.37 -2.86 16.10
C PHE A 306 5.86 -3.14 17.51
N PRO A 307 4.66 -2.62 17.78
CA PRO A 307 3.95 -2.95 18.99
C PRO A 307 3.51 -4.41 19.00
N ALA A 308 3.06 -4.89 20.16
CA ALA A 308 2.64 -6.30 20.23
C ALA A 308 1.35 -6.51 19.46
N GLN A 309 0.49 -5.49 19.48
CA GLN A 309 -0.79 -5.53 18.78
C GLN A 309 -0.66 -4.77 17.47
N LEU A 310 -0.28 -5.44 16.39
CA LEU A 310 -0.18 -4.75 15.09
C LEU A 310 -1.52 -4.17 14.63
N ASN A 311 -1.42 -3.10 13.82
CA ASN A 311 -2.61 -2.56 13.12
C ASN A 311 -2.41 -2.51 11.61
N TYR A 312 -3.43 -2.07 10.92
CA TYR A 312 -3.40 -1.84 9.44
C TYR A 312 -2.17 -1.11 8.93
N ASP A 313 -1.80 -0.04 9.61
CA ASP A 313 -0.66 0.78 9.15
C ASP A 313 0.63 0.03 9.19
N ASN A 314 0.79 -0.81 10.19
CA ASN A 314 2.02 -1.54 10.34
C ASN A 314 2.15 -2.50 9.15
N VAL A 315 1.10 -3.25 8.88
CA VAL A 315 1.20 -4.28 7.86
C VAL A 315 1.12 -3.71 6.43
N MET A 316 0.13 -2.86 6.18
CA MET A 316 -0.02 -2.23 4.84
C MET A 316 1.12 -1.31 4.45
N ASP A 317 1.61 -0.49 5.39
CA ASP A 317 2.48 0.63 5.04
C ASP A 317 3.93 0.51 5.43
N GLU A 318 4.22 -0.35 6.41
CA GLU A 318 5.51 -0.41 7.08
C GLU A 318 6.14 -1.79 6.99
N MET A 319 5.73 -2.62 6.02
CA MET A 319 6.44 -3.86 5.83
C MET A 319 6.87 -4.09 4.38
N PRO A 320 7.50 -3.08 3.74
CA PRO A 320 7.84 -3.24 2.31
C PRO A 320 8.88 -4.34 2.08
N PHE A 321 9.76 -4.56 3.04
CA PHE A 321 10.77 -5.59 2.85
C PHE A 321 10.13 -6.98 2.89
N ALA A 322 9.29 -7.17 3.88
CA ALA A 322 8.60 -8.43 4.03
C ALA A 322 7.74 -8.71 2.80
N GLU A 323 7.09 -7.70 2.24
CA GLU A 323 6.35 -7.89 0.99
C GLU A 323 7.27 -8.31 -0.14
N ARG A 324 8.47 -7.73 -0.19
CA ARG A 324 9.43 -8.14 -1.22
C ARG A 324 9.81 -9.62 -1.04
N CYS A 325 9.84 -10.09 0.21
CA CYS A 325 10.28 -11.43 0.52
C CYS A 325 9.19 -12.36 0.01
N VAL A 326 7.97 -11.94 0.24
CA VAL A 326 6.77 -12.70 -0.12
C VAL A 326 6.69 -12.73 -1.67
N ARG A 327 6.80 -11.56 -2.31
CA ARG A 327 6.78 -11.52 -3.77
C ARG A 327 7.85 -12.36 -4.39
N GLU A 328 9.08 -12.23 -3.88
CA GLU A 328 10.17 -13.01 -4.45
C GLU A 328 9.98 -14.55 -4.24
N SER A 329 9.21 -14.96 -3.24
CA SER A 329 8.96 -16.37 -3.04
C SER A 329 8.00 -16.90 -4.14
N ILE A 330 7.00 -16.09 -4.48
CA ILE A 330 6.06 -16.42 -5.55
C ILE A 330 6.80 -16.34 -6.88
N ARG A 331 7.73 -15.39 -7.00
CA ARG A 331 8.51 -15.20 -8.24
C ARG A 331 9.32 -16.47 -8.52
N ARG A 332 10.09 -16.89 -7.54
CA ARG A 332 10.97 -18.05 -7.71
C ARG A 332 10.23 -19.40 -7.89
N ASP A 333 9.18 -19.56 -7.09
CA ASP A 333 8.40 -20.79 -7.03
C ASP A 333 6.92 -20.49 -6.98
N PRO A 334 6.38 -20.07 -8.11
CA PRO A 334 4.97 -19.63 -8.20
C PRO A 334 4.05 -20.80 -7.97
N PRO A 335 3.03 -20.68 -7.13
CA PRO A 335 2.18 -21.85 -6.88
C PRO A 335 1.31 -22.33 -8.06
N LEU A 336 0.89 -21.43 -8.91
CA LEU A 336 0.20 -21.75 -10.13
C LEU A 336 1.19 -21.57 -11.27
N LEU A 337 1.54 -22.69 -11.89
CA LEU A 337 2.58 -22.71 -12.92
C LEU A 337 2.17 -22.17 -14.28
N MET A 338 0.86 -22.22 -14.57
CA MET A 338 0.26 -22.01 -15.85
C MET A 338 -1.00 -21.16 -15.63
N VAL A 339 -1.21 -20.12 -16.43
CA VAL A 339 -2.55 -19.56 -16.59
C VAL A 339 -2.95 -19.84 -18.06
N MET A 340 -4.20 -20.21 -18.26
CA MET A 340 -4.62 -20.81 -19.52
C MET A 340 -5.92 -20.27 -20.07
N ARG A 341 -6.03 -20.30 -21.40
CA ARG A 341 -7.24 -19.93 -22.10
C ARG A 341 -7.48 -20.87 -23.26
N MET A 342 -8.75 -21.05 -23.64
CA MET A 342 -9.10 -21.69 -24.91
C MET A 342 -9.11 -20.65 -26.03
N VAL A 343 -8.39 -20.94 -27.10
CA VAL A 343 -8.41 -20.04 -28.25
C VAL A 343 -9.71 -20.22 -29.08
N LYS A 344 -10.64 -19.27 -29.00
CA LYS A 344 -11.88 -19.33 -29.82
C LYS A 344 -11.71 -18.69 -31.19
N ALA A 345 -10.77 -17.76 -31.30
CA ALA A 345 -10.38 -17.22 -32.59
C ALA A 345 -8.92 -16.90 -32.55
N GLU A 346 -8.24 -17.09 -33.69
CA GLU A 346 -6.78 -17.00 -33.73
C GLU A 346 -6.23 -15.68 -33.23
N VAL A 347 -5.06 -15.74 -32.62
CA VAL A 347 -4.41 -14.58 -32.11
C VAL A 347 -2.99 -14.60 -32.60
N LYS A 348 -2.55 -13.46 -33.10
CA LYS A 348 -1.17 -13.17 -33.38
C LYS A 348 -0.39 -12.96 -32.12
N VAL A 349 0.78 -13.61 -32.06
CA VAL A 349 1.72 -13.44 -31.00
C VAL A 349 3.12 -13.39 -31.60
N GLY A 350 3.67 -12.21 -31.66
CA GLY A 350 4.95 -11.96 -32.32
C GLY A 350 4.84 -12.29 -33.78
N SER A 351 5.76 -13.05 -34.31
CA SER A 351 5.61 -13.46 -35.72
C SER A 351 4.75 -14.72 -35.91
N TYR A 352 4.10 -15.21 -34.86
CA TYR A 352 3.32 -16.44 -34.98
C TYR A 352 1.83 -16.16 -34.89
N VAL A 353 1.04 -17.11 -35.35
CA VAL A 353 -0.38 -17.09 -35.17
C VAL A 353 -0.77 -18.32 -34.40
N VAL A 354 -1.54 -18.16 -33.34
CA VAL A 354 -2.01 -19.30 -32.52
C VAL A 354 -3.43 -19.64 -32.91
N PRO A 355 -3.68 -20.88 -33.40
CA PRO A 355 -4.98 -21.19 -33.98
C PRO A 355 -6.11 -21.64 -33.01
N LYS A 356 -7.32 -21.41 -33.49
CA LYS A 356 -8.57 -21.77 -32.82
C LYS A 356 -8.42 -23.20 -32.32
N GLY A 357 -8.84 -23.49 -31.08
CA GLY A 357 -8.83 -24.88 -30.57
C GLY A 357 -7.60 -25.18 -29.77
N ASP A 358 -6.52 -24.36 -29.88
CA ASP A 358 -5.41 -24.49 -28.96
C ASP A 358 -5.83 -24.06 -27.59
N ILE A 359 -5.21 -24.68 -26.57
CA ILE A 359 -5.13 -24.02 -25.29
C ILE A 359 -3.88 -23.18 -25.38
N ILE A 360 -4.02 -21.91 -25.09
CA ILE A 360 -2.88 -21.01 -24.97
C ILE A 360 -2.64 -20.73 -23.51
N ALA A 361 -1.38 -20.57 -23.14
CA ALA A 361 -0.97 -20.45 -21.76
C ALA A 361 0.15 -19.47 -21.63
N CYS A 362 0.10 -18.75 -20.52
CA CYS A 362 1.20 -17.97 -20.08
C CYS A 362 1.62 -18.63 -18.79
N SER A 363 2.93 -18.85 -18.63
CA SER A 363 3.44 -19.65 -17.50
C SER A 363 4.30 -18.88 -16.54
N PRO A 364 3.76 -18.60 -15.35
CA PRO A 364 4.59 -18.00 -14.33
C PRO A 364 5.87 -18.76 -14.03
N LEU A 365 5.85 -20.10 -14.00
CA LEU A 365 7.07 -20.84 -13.78
C LEU A 365 8.09 -20.46 -14.86
N LEU A 366 7.71 -20.55 -16.13
CA LEU A 366 8.63 -20.25 -17.20
C LEU A 366 9.11 -18.81 -17.32
N SER A 367 8.18 -17.87 -17.37
CA SER A 367 8.52 -16.49 -17.47
C SER A 367 9.36 -16.00 -16.28
N HIS A 368 9.10 -16.55 -15.08
CA HIS A 368 9.90 -16.18 -13.90
C HIS A 368 11.32 -16.76 -13.93
N HIS A 369 11.64 -17.62 -14.89
CA HIS A 369 12.98 -18.14 -15.08
C HIS A 369 13.64 -17.66 -16.37
N ASP A 370 13.03 -16.72 -17.04
CA ASP A 370 13.68 -16.09 -18.18
C ASP A 370 14.94 -15.30 -17.74
N GLU A 371 16.06 -15.54 -18.41
CA GLU A 371 17.37 -15.04 -17.91
C GLU A 371 17.46 -13.52 -18.05
N GLU A 372 16.70 -12.98 -18.99
CA GLU A 372 16.69 -11.56 -19.21
C GLU A 372 15.88 -10.91 -18.11
N ALA A 373 14.66 -11.39 -17.87
CA ALA A 373 13.81 -10.75 -16.88
C ALA A 373 14.28 -10.99 -15.47
N PHE A 374 14.87 -12.13 -15.22
CA PHE A 374 15.21 -12.50 -13.84
C PHE A 374 16.56 -13.23 -13.79
N PRO A 375 17.66 -12.50 -13.98
CA PRO A 375 18.96 -13.24 -14.04
C PRO A 375 19.23 -14.02 -12.73
N ASN A 376 19.93 -15.14 -12.88
CA ASN A 376 20.08 -16.13 -11.82
C ASN A 376 18.71 -16.44 -11.14
N PRO A 377 17.80 -17.06 -11.91
CA PRO A 377 16.45 -17.16 -11.39
C PRO A 377 16.27 -18.08 -10.21
N ARG A 378 17.14 -19.05 -9.99
CA ARG A 378 16.98 -19.92 -8.83
C ARG A 378 17.49 -19.29 -7.54
N LEU A 379 18.09 -18.11 -7.64
CA LEU A 379 18.50 -17.42 -6.43
C LEU A 379 17.32 -16.64 -5.86
N TRP A 380 17.06 -16.81 -4.56
CA TRP A 380 16.06 -16.05 -3.87
C TRP A 380 16.67 -14.71 -3.43
N ASP A 381 16.25 -13.60 -4.06
CA ASP A 381 16.81 -12.28 -3.82
C ASP A 381 15.68 -11.29 -3.68
N PRO A 382 15.25 -11.07 -2.45
CA PRO A 382 14.12 -10.21 -2.20
C PRO A 382 14.30 -8.80 -2.73
N GLU A 383 15.55 -8.41 -2.96
CA GLU A 383 15.80 -7.08 -3.44
C GLU A 383 15.81 -6.98 -4.98
N ARG A 384 15.61 -8.08 -5.70
CA ARG A 384 15.65 -7.99 -7.15
C ARG A 384 14.42 -7.26 -7.68
N ASP A 385 14.56 -6.70 -8.85
CA ASP A 385 13.37 -6.20 -9.60
C ASP A 385 13.36 -6.93 -10.96
N GLU A 386 12.18 -7.15 -11.53
CA GLU A 386 12.07 -7.69 -12.88
C GLU A 386 12.86 -6.75 -13.81
N LYS A 387 13.53 -7.30 -14.80
CA LYS A 387 14.23 -6.47 -15.77
C LYS A 387 13.47 -6.33 -17.09
N VAL A 388 12.27 -6.89 -17.18
CA VAL A 388 11.38 -6.68 -18.29
C VAL A 388 10.08 -6.34 -17.64
N ASP A 389 9.52 -5.18 -17.98
CA ASP A 389 8.25 -4.80 -17.42
C ASP A 389 7.14 -5.86 -17.62
N GLY A 390 6.39 -6.11 -16.56
CA GLY A 390 5.33 -7.09 -16.58
C GLY A 390 5.76 -8.56 -16.62
N ALA A 391 7.06 -8.83 -16.44
CA ALA A 391 7.55 -10.24 -16.45
C ALA A 391 7.01 -11.10 -15.28
N PHE A 392 6.92 -10.47 -14.11
CA PHE A 392 6.25 -11.06 -12.98
C PHE A 392 4.74 -11.16 -13.19
N ILE A 393 4.26 -12.39 -13.20
CA ILE A 393 2.87 -12.75 -13.41
C ILE A 393 2.36 -13.77 -12.42
N GLY A 394 2.93 -13.77 -11.23
CA GLY A 394 2.48 -14.63 -10.15
C GLY A 394 1.01 -14.51 -9.78
N PHE A 395 0.47 -13.29 -9.83
CA PHE A 395 -0.95 -12.99 -9.66
C PHE A 395 -1.72 -12.67 -10.95
N GLY A 396 -1.18 -13.07 -12.11
CA GLY A 396 -1.68 -12.67 -13.35
C GLY A 396 -1.57 -11.19 -13.71
N ALA A 397 -2.43 -10.78 -14.62
CA ALA A 397 -2.37 -9.43 -15.23
C ALA A 397 -3.65 -9.17 -16.00
N GLY A 398 -3.98 -7.90 -16.19
CA GLY A 398 -5.21 -7.52 -16.95
C GLY A 398 -6.47 -7.81 -16.22
N VAL A 399 -7.57 -7.94 -16.98
CA VAL A 399 -8.92 -8.04 -16.41
C VAL A 399 -9.08 -9.23 -15.48
N HIS A 400 -8.35 -10.32 -15.73
CA HIS A 400 -8.46 -11.51 -14.89
C HIS A 400 -7.44 -11.63 -13.79
N LYS A 401 -6.75 -10.54 -13.49
CA LYS A 401 -5.71 -10.62 -12.49
C LYS A 401 -6.29 -10.99 -11.12
N CYS A 402 -5.44 -11.46 -10.22
CA CYS A 402 -5.94 -11.98 -8.93
C CYS A 402 -6.66 -10.92 -8.14
N ILE A 403 -7.88 -11.22 -7.68
CA ILE A 403 -8.62 -10.35 -6.78
C ILE A 403 -8.37 -10.56 -5.27
N GLY A 404 -7.64 -11.63 -4.93
CA GLY A 404 -7.31 -12.03 -3.57
C GLY A 404 -5.91 -11.59 -3.18
N GLN A 405 -5.17 -10.95 -4.08
CA GLN A 405 -3.80 -10.70 -3.83
C GLN A 405 -3.53 -9.81 -2.64
N LYS A 406 -4.32 -8.76 -2.42
CA LYS A 406 -4.09 -7.82 -1.30
C LYS A 406 -4.42 -8.49 0.00
N PHE A 407 -5.47 -9.28 0.01
CA PHE A 407 -5.80 -10.05 1.18
C PHE A 407 -4.77 -11.08 1.53
N ALA A 408 -4.32 -11.84 0.53
CA ALA A 408 -3.30 -12.86 0.73
C ALA A 408 -2.02 -12.26 1.28
N LEU A 409 -1.56 -11.16 0.69
CA LEU A 409 -0.36 -10.52 1.20
C LEU A 409 -0.52 -10.05 2.64
N LEU A 410 -1.67 -9.47 2.92
CA LEU A 410 -1.97 -9.04 4.27
C LEU A 410 -1.88 -10.23 5.28
N GLN A 411 -2.39 -11.38 4.89
CA GLN A 411 -2.31 -12.58 5.69
C GLN A 411 -0.89 -13.08 5.89
N VAL A 412 -0.20 -13.29 4.80
CA VAL A 412 1.17 -13.75 4.84
C VAL A 412 2.06 -12.77 5.66
N LYS A 413 2.03 -11.47 5.34
CA LYS A 413 2.85 -10.51 6.09
C LYS A 413 2.53 -10.47 7.57
N THR A 414 1.25 -10.56 7.94
CA THR A 414 0.88 -10.54 9.34
C THR A 414 1.40 -11.80 10.03
N ILE A 415 1.30 -12.94 9.36
CA ILE A 415 1.85 -14.17 9.91
C ILE A 415 3.40 -14.14 10.04
N LEU A 416 4.08 -13.54 9.08
CA LEU A 416 5.51 -13.47 9.22
C LEU A 416 5.90 -12.60 10.41
N ALA A 417 5.22 -11.47 10.55
CA ALA A 417 5.60 -10.48 11.57
C ALA A 417 5.37 -11.03 12.97
N THR A 418 4.28 -11.81 13.10
CA THR A 418 3.87 -12.43 14.33
C THR A 418 4.74 -13.61 14.69
N ALA A 419 4.98 -14.51 13.73
CA ALA A 419 5.75 -15.71 14.03
C ALA A 419 7.20 -15.35 14.34
N PHE A 420 7.86 -14.53 13.53
CA PHE A 420 9.27 -14.32 13.70
C PHE A 420 9.54 -13.37 14.87
N ARG A 421 8.53 -12.64 15.30
CA ARG A 421 8.66 -11.84 16.51
C ARG A 421 8.88 -12.72 17.75
N GLU A 422 8.15 -13.85 17.84
CA GLU A 422 8.16 -14.73 19.04
C GLU A 422 9.08 -15.95 18.92
N TYR A 423 9.48 -16.33 17.70
CA TYR A 423 10.25 -17.52 17.47
C TYR A 423 11.40 -17.38 16.51
N ASP A 424 12.35 -18.29 16.68
CA ASP A 424 13.37 -18.52 15.74
C ASP A 424 13.06 -19.90 15.15
N PHE A 425 13.49 -20.13 13.91
CA PHE A 425 13.18 -21.38 13.26
C PHE A 425 14.42 -21.90 12.63
N GLN A 426 14.51 -23.22 12.53
CA GLN A 426 15.57 -23.79 11.71
C GLN A 426 15.10 -25.06 10.98
N LEU A 427 15.50 -25.11 9.73
CA LEU A 427 15.22 -26.21 8.88
C LEU A 427 15.95 -27.40 9.40
N LEU A 428 15.31 -28.58 9.48
CA LEU A 428 16.04 -29.78 9.85
C LEU A 428 17.02 -30.25 8.76
N ARG A 429 16.67 -30.12 7.50
CA ARG A 429 17.55 -30.56 6.43
C ARG A 429 18.52 -29.45 6.05
N ASP A 430 19.41 -29.70 5.11
CA ASP A 430 20.46 -28.73 4.77
C ASP A 430 20.04 -27.58 3.86
N GLU A 431 19.04 -27.86 3.02
CA GLU A 431 18.64 -26.96 1.94
C GLU A 431 17.16 -26.70 2.00
N VAL A 432 16.77 -25.51 1.55
CA VAL A 432 15.38 -25.21 1.32
C VAL A 432 14.77 -26.34 0.46
N PRO A 433 13.49 -26.74 0.69
CA PRO A 433 12.91 -27.89 -0.03
C PRO A 433 12.86 -27.77 -1.53
N ASP A 434 12.84 -28.92 -2.22
CA ASP A 434 12.56 -28.96 -3.65
C ASP A 434 11.07 -28.65 -3.81
N PRO A 435 10.72 -27.88 -4.83
CA PRO A 435 9.32 -27.79 -5.27
C PRO A 435 8.81 -29.17 -5.63
N ASP A 436 7.56 -29.48 -5.25
CA ASP A 436 6.88 -30.74 -5.64
C ASP A 436 5.84 -30.45 -6.71
N TYR A 437 6.21 -30.73 -7.96
CA TYR A 437 5.42 -30.37 -9.12
C TYR A 437 4.21 -31.31 -9.36
N HIS A 438 4.03 -32.25 -8.44
CA HIS A 438 3.03 -33.26 -8.61
C HIS A 438 1.64 -32.91 -8.13
N THR A 439 1.40 -31.70 -7.64
CA THR A 439 0.07 -31.26 -7.24
C THR A 439 -0.29 -30.01 -8.05
N MET A 440 -1.57 -29.81 -8.30
CA MET A 440 -2.00 -28.74 -9.12
C MET A 440 -1.58 -27.39 -8.58
N VAL A 441 -1.62 -27.19 -7.27
CA VAL A 441 -0.98 -26.02 -6.70
C VAL A 441 0.31 -26.55 -6.16
N VAL A 442 1.40 -26.04 -6.72
CA VAL A 442 2.74 -26.48 -6.43
C VAL A 442 3.35 -25.79 -5.24
N GLY A 443 3.91 -26.58 -4.33
CA GLY A 443 4.53 -26.04 -3.13
C GLY A 443 5.76 -26.82 -2.73
N PRO A 444 6.42 -26.43 -1.60
CA PRO A 444 7.60 -27.17 -1.16
C PRO A 444 7.22 -28.62 -0.83
N THR A 445 8.10 -29.56 -1.11
CA THR A 445 7.88 -30.99 -0.84
C THR A 445 7.53 -31.19 0.64
N LEU A 446 6.33 -31.69 0.88
CA LEU A 446 5.77 -31.73 2.20
C LEU A 446 6.73 -32.35 3.22
N ASN A 447 7.31 -33.51 2.88
CA ASN A 447 8.22 -34.19 3.87
C ASN A 447 9.61 -33.57 3.98
N GLN A 448 9.84 -32.45 3.31
CA GLN A 448 11.08 -31.76 3.44
C GLN A 448 10.87 -30.53 4.30
N CYS A 449 9.68 -30.37 4.84
CA CYS A 449 9.30 -29.12 5.51
C CYS A 449 9.32 -29.20 7.02
N LEU A 450 10.05 -30.17 7.60
CA LEU A 450 10.23 -30.23 9.08
C LEU A 450 11.16 -29.13 9.56
N VAL A 451 10.69 -28.45 10.58
CA VAL A 451 11.33 -27.30 11.10
C VAL A 451 11.35 -27.33 12.65
N LYS A 452 12.44 -26.88 13.25
CA LYS A 452 12.50 -26.76 14.70
C LYS A 452 12.29 -25.34 15.08
N TYR A 453 11.25 -25.05 15.83
CA TYR A 453 11.11 -23.73 16.43
C TYR A 453 11.78 -23.64 17.79
N THR A 454 12.18 -22.42 18.17
CA THR A 454 12.75 -22.13 19.45
C THR A 454 12.13 -20.80 19.86
N ARG A 455 11.40 -20.77 20.97
CA ARG A 455 10.80 -19.53 21.45
C ARG A 455 11.85 -18.53 21.84
N LYS A 456 11.70 -17.25 21.50
CA LYS A 456 12.75 -16.28 21.88
C LYS A 456 12.69 -15.93 23.36
N LYS A 457 13.85 -15.68 23.99
CA LYS A 457 13.96 -15.48 25.46
C LYS A 457 13.43 -14.10 25.97
N PRO B 9 15.05 5.63 -27.40
CA PRO B 9 14.97 6.41 -26.14
C PRO B 9 14.10 7.70 -26.26
N THR B 10 12.83 7.70 -25.89
CA THR B 10 11.95 8.88 -26.20
C THR B 10 11.53 9.83 -25.02
N ASP B 11 11.65 11.13 -25.23
CA ASP B 11 11.40 12.13 -24.23
C ASP B 11 9.87 12.25 -24.08
N PRO B 12 9.39 12.61 -22.89
CA PRO B 12 7.98 12.89 -22.73
C PRO B 12 7.53 14.08 -23.61
N PRO B 13 6.24 14.19 -23.87
CA PRO B 13 5.83 15.34 -24.62
C PRO B 13 6.01 16.59 -23.78
N VAL B 14 6.36 17.73 -24.40
CA VAL B 14 6.46 19.01 -23.70
C VAL B 14 5.24 19.81 -23.98
N TYR B 15 4.63 20.47 -22.95
CA TYR B 15 3.46 21.26 -23.25
C TYR B 15 3.98 22.51 -24.07
N PRO B 16 3.21 22.93 -25.08
CA PRO B 16 3.67 24.07 -25.90
C PRO B 16 3.93 25.37 -25.10
N VAL B 17 4.92 26.13 -25.50
CA VAL B 17 5.21 27.33 -24.78
C VAL B 17 4.88 28.53 -25.63
N THR B 18 4.35 29.53 -24.94
CA THR B 18 4.10 30.87 -25.51
C THR B 18 5.29 31.89 -25.40
N VAL B 19 5.93 32.02 -24.24
CA VAL B 19 7.03 33.00 -24.10
C VAL B 19 8.20 32.23 -23.54
N PRO B 20 9.28 32.03 -24.35
CA PRO B 20 10.32 31.04 -23.92
C PRO B 20 10.96 31.30 -22.55
N PHE B 21 11.20 32.55 -22.29
CA PHE B 21 11.88 32.81 -21.08
C PHE B 21 11.05 32.40 -19.86
N LEU B 22 9.73 32.48 -19.91
CA LEU B 22 8.96 32.09 -18.72
C LEU B 22 8.57 30.62 -18.71
N GLY B 23 8.52 29.99 -19.89
CA GLY B 23 7.89 28.67 -19.99
C GLY B 23 6.47 28.77 -19.49
N HIS B 24 6.11 27.93 -18.54
CA HIS B 24 4.73 27.81 -18.08
C HIS B 24 4.49 28.42 -16.69
N ILE B 25 5.33 29.35 -16.29
CA ILE B 25 5.22 30.02 -15.01
C ILE B 25 3.82 30.63 -14.85
N VAL B 26 3.30 31.29 -15.86
CA VAL B 26 2.03 32.00 -15.67
C VAL B 26 0.87 31.02 -15.35
N GLN B 27 0.73 29.97 -16.13
CA GLN B 27 -0.37 29.05 -15.94
C GLN B 27 -0.09 28.11 -14.81
N PHE B 28 1.15 27.63 -14.68
CA PHE B 28 1.39 26.69 -13.61
C PHE B 28 1.23 27.46 -12.27
N GLY B 29 1.64 28.72 -12.23
CA GLY B 29 1.55 29.51 -10.98
C GLY B 29 0.13 29.84 -10.60
N LYS B 30 -0.66 30.17 -11.61
CA LYS B 30 -2.05 30.58 -11.44
C LYS B 30 -2.98 29.44 -11.01
N ASN B 31 -2.98 28.31 -11.72
CA ASN B 31 -3.76 27.20 -11.25
C ASN B 31 -3.06 25.91 -11.63
N PRO B 32 -2.25 25.39 -10.73
CA PRO B 32 -1.44 24.26 -11.10
C PRO B 32 -2.29 23.03 -11.36
N LEU B 33 -3.45 22.92 -10.71
CA LEU B 33 -4.28 21.76 -10.86
C LEU B 33 -4.86 21.75 -12.30
N GLU B 34 -5.59 22.79 -12.62
CA GLU B 34 -6.18 22.92 -13.95
C GLU B 34 -5.12 22.88 -15.02
N PHE B 35 -3.98 23.53 -14.82
CA PHE B 35 -2.98 23.52 -15.87
C PHE B 35 -2.36 22.08 -16.08
N MET B 36 -2.02 21.39 -15.00
CA MET B 36 -1.53 20.00 -15.13
C MET B 36 -2.53 19.08 -15.76
N GLN B 37 -3.80 19.21 -15.39
CA GLN B 37 -4.87 18.43 -15.98
C GLN B 37 -4.99 18.68 -17.49
N ARG B 38 -4.83 19.94 -17.90
CA ARG B 38 -4.81 20.27 -19.32
C ARG B 38 -3.58 19.73 -20.06
N CYS B 39 -2.38 19.81 -19.47
CA CYS B 39 -1.28 19.06 -20.06
C CYS B 39 -1.60 17.57 -20.29
N LYS B 40 -2.08 16.92 -19.23
CA LYS B 40 -2.26 15.49 -19.24
C LYS B 40 -3.34 15.16 -20.25
N ARG B 41 -4.42 15.91 -20.23
CA ARG B 41 -5.46 15.74 -21.22
C ARG B 41 -5.01 16.12 -22.62
N ASP B 42 -4.56 17.36 -22.87
CA ASP B 42 -4.24 17.83 -24.22
C ASP B 42 -3.17 17.00 -24.83
N LEU B 43 -2.18 16.53 -24.06
CA LEU B 43 -1.01 15.82 -24.59
C LEU B 43 -1.28 14.34 -24.63
N LYS B 44 -2.39 13.88 -24.05
CA LYS B 44 -2.75 12.47 -24.03
C LYS B 44 -1.69 11.64 -23.34
N SER B 45 -1.18 12.13 -22.23
CA SER B 45 -0.11 11.43 -21.52
C SER B 45 -0.05 11.92 -20.08
N GLY B 46 -0.13 10.98 -19.13
CA GLY B 46 0.10 11.26 -17.71
C GLY B 46 1.52 11.67 -17.36
N VAL B 47 2.47 11.35 -18.24
CA VAL B 47 3.87 11.74 -18.13
C VAL B 47 4.17 12.79 -19.19
N PHE B 48 4.61 13.94 -18.71
CA PHE B 48 4.77 15.10 -19.58
C PHE B 48 5.76 16.05 -18.99
N THR B 49 6.16 17.05 -19.76
CA THR B 49 7.19 17.95 -19.30
C THR B 49 6.66 19.39 -19.45
N ILE B 50 6.93 20.23 -18.45
CA ILE B 50 6.70 21.67 -18.47
C ILE B 50 8.00 22.44 -18.26
N SER B 51 7.95 23.76 -18.46
CA SER B 51 9.14 24.59 -18.32
C SER B 51 8.87 25.62 -17.25
N ILE B 52 9.82 25.77 -16.34
CA ILE B 52 9.75 26.86 -15.33
C ILE B 52 11.00 27.66 -15.53
N GLY B 53 10.85 28.75 -16.30
CA GLY B 53 11.91 29.70 -16.53
C GLY B 53 12.94 29.05 -17.38
N GLY B 54 12.56 28.11 -18.25
CA GLY B 54 13.61 27.32 -18.93
C GLY B 54 14.09 26.04 -18.25
N GLN B 55 13.88 25.84 -16.95
CA GLN B 55 14.19 24.54 -16.33
C GLN B 55 13.13 23.48 -16.73
N ARG B 56 13.58 22.35 -17.30
CA ARG B 56 12.66 21.28 -17.62
C ARG B 56 12.20 20.57 -16.36
N VAL B 57 10.89 20.50 -16.19
CA VAL B 57 10.26 19.77 -15.08
C VAL B 57 9.32 18.71 -15.67
N THR B 58 9.65 17.44 -15.42
CA THR B 58 8.89 16.29 -15.95
C THR B 58 8.02 15.77 -14.85
N ILE B 59 6.72 15.75 -15.07
CA ILE B 59 5.73 15.32 -14.13
C ILE B 59 5.23 13.90 -14.41
N VAL B 60 5.38 13.06 -13.41
CA VAL B 60 4.90 11.70 -13.44
C VAL B 60 3.46 11.71 -12.92
N GLY B 61 2.50 11.97 -13.81
CA GLY B 61 1.11 12.22 -13.46
C GLY B 61 0.25 11.02 -13.74
N ASP B 62 0.90 9.88 -13.92
CA ASP B 62 0.20 8.60 -14.08
C ASP B 62 0.42 7.80 -12.82
N PRO B 63 -0.64 7.60 -12.01
CA PRO B 63 -0.42 6.96 -10.73
C PRO B 63 0.12 5.55 -10.88
N HIS B 64 -0.08 4.91 -12.03
CA HIS B 64 0.47 3.57 -12.28
C HIS B 64 1.98 3.65 -12.34
N GLU B 65 2.55 4.84 -12.58
CA GLU B 65 3.99 4.97 -12.70
C GLU B 65 4.67 5.54 -11.47
N HIS B 66 3.93 5.63 -10.36
CA HIS B 66 4.47 6.16 -9.14
C HIS B 66 5.80 5.52 -8.65
N SER B 67 5.93 4.20 -8.72
CA SER B 67 7.12 3.55 -8.16
C SER B 67 8.36 3.91 -8.89
N ARG B 68 8.24 4.25 -10.16
CA ARG B 68 9.41 4.75 -10.94
C ARG B 68 9.96 6.08 -10.44
N PHE B 69 9.16 6.84 -9.70
CA PHE B 69 9.68 8.04 -9.05
C PHE B 69 10.19 7.72 -7.64
N PHE B 70 9.38 7.01 -6.84
CA PHE B 70 9.66 6.86 -5.42
C PHE B 70 10.66 5.79 -5.11
N SER B 71 10.84 4.83 -6.02
CA SER B 71 11.75 3.68 -5.79
C SER B 71 13.26 3.84 -6.05
N PRO B 72 13.69 4.51 -7.14
CA PRO B 72 15.13 4.60 -7.37
C PRO B 72 15.88 5.28 -6.25
N ARG B 73 17.15 4.94 -6.14
CA ARG B 73 17.94 5.43 -5.04
C ARG B 73 18.55 6.81 -5.36
N ASN B 74 19.01 7.44 -4.32
CA ASN B 74 19.46 8.82 -4.43
C ASN B 74 20.45 9.11 -5.57
N GLU B 75 21.28 8.14 -5.95
CA GLU B 75 22.31 8.41 -6.97
C GLU B 75 21.63 8.54 -8.32
N ILE B 76 20.41 8.03 -8.49
CA ILE B 76 19.65 8.27 -9.70
C ILE B 76 18.72 9.51 -9.57
N LEU B 77 17.80 9.49 -8.60
CA LEU B 77 16.86 10.60 -8.31
C LEU B 77 17.19 11.18 -6.93
N SER B 78 17.79 12.34 -6.96
CA SER B 78 18.38 13.00 -5.78
C SER B 78 17.55 14.22 -5.29
N PRO B 79 17.04 14.19 -4.05
CA PRO B 79 16.31 15.39 -3.53
C PRO B 79 17.19 16.57 -3.19
N ARG B 80 18.47 16.29 -2.90
CA ARG B 80 19.39 17.27 -2.37
C ARG B 80 19.33 18.59 -3.17
N GLU B 81 19.46 18.54 -4.47
CA GLU B 81 19.61 19.77 -5.18
C GLU B 81 18.31 20.49 -5.40
N VAL B 82 17.16 19.85 -5.19
CA VAL B 82 15.96 20.60 -5.22
C VAL B 82 15.91 21.54 -3.99
N TYR B 83 16.43 21.09 -2.82
CA TYR B 83 16.21 21.78 -1.53
C TYR B 83 17.39 22.57 -0.92
N THR B 84 18.33 22.97 -1.78
CA THR B 84 19.40 23.90 -1.52
C THR B 84 18.99 25.14 -0.71
N ILE B 85 17.87 25.73 -1.07
CA ILE B 85 17.36 26.86 -0.31
C ILE B 85 17.10 26.59 1.18
N MET B 86 16.97 25.35 1.60
CA MET B 86 16.79 25.07 3.00
C MET B 86 18.05 25.16 3.82
N THR B 87 19.20 25.26 3.17
CA THR B 87 20.47 25.16 3.88
C THR B 87 20.61 26.22 5.00
N PRO B 88 20.28 27.50 4.73
CA PRO B 88 20.29 28.50 5.86
C PRO B 88 19.30 28.21 6.96
N VAL B 89 18.24 27.47 6.65
CA VAL B 89 17.22 27.23 7.63
C VAL B 89 17.65 26.07 8.55
N PHE B 90 17.96 24.93 7.96
CA PHE B 90 18.37 23.76 8.73
C PHE B 90 19.82 23.84 9.19
N GLY B 91 20.68 24.53 8.42
CA GLY B 91 22.10 24.70 8.78
C GLY B 91 23.02 23.88 7.89
N GLU B 92 24.23 24.35 7.74
CA GLU B 92 25.22 23.64 6.97
C GLU B 92 25.45 22.28 7.63
N GLY B 93 25.63 21.24 6.84
CA GLY B 93 25.92 19.91 7.39
C GLY B 93 24.68 19.20 7.91
N VAL B 94 23.51 19.78 7.72
CA VAL B 94 22.29 19.20 8.25
C VAL B 94 21.36 18.85 7.10
N ALA B 95 20.64 17.74 7.29
CA ALA B 95 19.60 17.22 6.45
C ALA B 95 20.18 17.16 5.04
N TYR B 96 19.65 17.91 4.11
CA TYR B 96 20.09 17.73 2.72
C TYR B 96 21.49 18.30 2.47
N ALA B 97 21.96 19.13 3.37
CA ALA B 97 23.31 19.66 3.27
C ALA B 97 24.34 18.70 3.96
N ALA B 98 23.92 17.52 4.35
CA ALA B 98 24.79 16.54 4.98
C ALA B 98 25.07 15.46 3.97
N PRO B 99 26.21 14.75 4.10
CA PRO B 99 26.38 13.65 3.20
C PRO B 99 25.22 12.71 3.34
N TYR B 100 24.80 12.11 2.25
CA TYR B 100 23.55 11.38 2.20
C TYR B 100 23.35 10.36 3.34
N PRO B 101 24.37 9.52 3.61
CA PRO B 101 24.18 8.54 4.69
C PRO B 101 24.07 9.23 6.05
N ARG B 102 24.68 10.39 6.19
CA ARG B 102 24.61 11.12 7.43
C ARG B 102 23.23 11.75 7.54
N MET B 103 22.75 12.30 6.44
CA MET B 103 21.35 12.75 6.33
C MET B 103 20.39 11.69 6.83
N ARG B 104 20.58 10.46 6.37
CA ARG B 104 19.73 9.35 6.76
C ARG B 104 19.89 9.00 8.25
N GLU B 105 21.11 9.08 8.79
CA GLU B 105 21.25 8.94 10.26
C GLU B 105 20.49 10.00 11.04
N GLN B 106 20.59 11.27 10.65
CA GLN B 106 19.91 12.39 11.31
C GLN B 106 18.40 12.27 11.38
N LEU B 107 17.83 11.94 10.23
CA LEU B 107 16.38 11.79 10.07
C LEU B 107 15.90 10.57 10.77
N ASN B 108 16.68 9.50 10.78
CA ASN B 108 16.23 8.33 11.52
C ASN B 108 16.23 8.65 13.04
N PHE B 109 17.18 9.47 13.50
CA PHE B 109 17.18 9.85 14.91
C PHE B 109 15.95 10.71 15.19
N LEU B 110 15.62 11.60 14.28
CA LEU B 110 14.39 12.39 14.44
C LEU B 110 13.16 11.51 14.38
N ALA B 111 13.10 10.65 13.36
CA ALA B 111 11.99 9.72 13.23
C ALA B 111 11.74 9.04 14.55
N GLU B 112 12.81 8.61 15.21
CA GLU B 112 12.72 7.95 16.50
C GLU B 112 11.99 8.69 17.58
N GLU B 113 12.12 10.01 17.58
CA GLU B 113 11.51 10.82 18.62
C GLU B 113 10.02 11.02 18.37
N LEU B 114 9.53 10.53 17.22
CA LEU B 114 8.18 10.81 16.74
C LEU B 114 7.40 9.55 16.44
N THR B 115 7.81 8.40 17.00
CA THR B 115 7.09 7.14 16.79
C THR B 115 5.98 7.07 17.80
N ILE B 116 5.03 6.15 17.54
CA ILE B 116 3.92 5.80 18.48
C ILE B 116 4.45 5.46 19.92
N ALA B 117 5.60 4.82 19.96
CA ALA B 117 6.28 4.54 21.22
C ALA B 117 6.33 5.74 22.14
N LYS B 118 6.57 6.95 21.60
CA LYS B 118 6.85 8.13 22.46
C LYS B 118 5.58 9.00 22.68
N PHE B 119 4.41 8.49 22.31
CA PHE B 119 3.14 9.23 22.31
C PHE B 119 2.25 9.11 23.57
N GLN B 120 2.69 8.34 24.58
CA GLN B 120 1.82 8.00 25.72
C GLN B 120 1.24 9.28 26.31
N ASN B 121 2.10 10.28 26.46
CA ASN B 121 1.74 11.56 27.04
C ASN B 121 1.22 12.63 26.08
N PHE B 122 1.32 12.37 24.77
CA PHE B 122 0.96 13.38 23.77
C PHE B 122 -0.52 13.68 23.71
N VAL B 123 -1.36 12.65 23.77
CA VAL B 123 -2.78 12.89 23.68
C VAL B 123 -3.22 13.89 24.74
N PRO B 124 -2.79 13.69 26.01
CA PRO B 124 -3.31 14.65 26.98
C PRO B 124 -2.67 16.00 26.88
N ALA B 125 -1.36 16.04 26.53
CA ALA B 125 -0.68 17.32 26.26
C ALA B 125 -1.42 18.10 25.12
N ILE B 126 -1.87 17.39 24.08
CA ILE B 126 -2.57 18.05 22.98
C ILE B 126 -3.93 18.58 23.45
N GLN B 127 -4.74 17.68 24.00
CA GLN B 127 -6.01 18.15 24.61
C GLN B 127 -5.86 19.31 25.60
N HIS B 128 -4.82 19.31 26.41
CA HIS B 128 -4.61 20.42 27.34
C HIS B 128 -4.57 21.73 26.61
N GLU B 129 -3.75 21.81 25.58
CA GLU B 129 -3.58 23.07 24.85
C GLU B 129 -4.75 23.47 23.99
N VAL B 130 -5.46 22.51 23.45
CA VAL B 130 -6.63 22.83 22.70
C VAL B 130 -7.70 23.42 23.65
N ARG B 131 -7.96 22.76 24.79
CA ARG B 131 -8.97 23.30 25.75
C ARG B 131 -8.58 24.68 26.25
N LYS B 132 -7.29 24.88 26.36
CA LYS B 132 -6.79 26.13 26.80
C LYS B 132 -6.99 27.18 25.74
N PHE B 133 -6.64 26.86 24.49
CA PHE B 133 -6.95 27.76 23.38
C PHE B 133 -8.45 28.14 23.28
N MET B 134 -9.32 27.13 23.24
CA MET B 134 -10.74 27.32 23.20
C MET B 134 -11.22 28.19 24.38
N ALA B 135 -10.84 27.87 25.62
CA ALA B 135 -11.28 28.66 26.79
C ALA B 135 -10.76 30.12 26.72
N GLU B 136 -9.52 30.31 26.27
CA GLU B 136 -8.94 31.64 26.13
C GLU B 136 -9.57 32.45 24.97
N ASN B 137 -9.93 31.82 23.84
CA ASN B 137 -10.30 32.58 22.64
C ASN B 137 -11.70 32.40 22.15
N TRP B 138 -12.32 31.25 22.40
CA TRP B 138 -13.67 31.05 22.03
C TRP B 138 -14.54 31.11 23.32
N LYS B 139 -14.63 32.32 23.90
CA LYS B 139 -15.12 32.57 25.28
C LYS B 139 -16.59 32.88 25.41
N GLU B 140 -17.28 33.15 24.31
CA GLU B 140 -18.71 33.43 24.43
C GLU B 140 -19.51 32.17 24.12
N ASP B 141 -20.84 32.27 24.17
CA ASP B 141 -21.70 31.16 23.77
C ASP B 141 -21.57 30.97 22.27
N GLU B 142 -21.32 32.07 21.58
CA GLU B 142 -21.05 32.07 20.16
C GLU B 142 -20.12 33.23 19.76
N GLY B 143 -19.50 33.12 18.59
CA GLY B 143 -18.51 34.06 18.14
C GLY B 143 -18.02 33.72 16.74
N VAL B 144 -17.30 34.65 16.17
CA VAL B 144 -16.75 34.49 14.83
C VAL B 144 -15.24 34.38 14.92
N ILE B 145 -14.65 33.41 14.24
CA ILE B 145 -13.22 33.26 14.26
C ILE B 145 -12.72 33.03 12.86
N ASN B 146 -11.42 33.26 12.66
CA ASN B 146 -10.77 32.75 11.45
C ASN B 146 -10.20 31.37 11.77
N LEU B 147 -10.74 30.35 11.12
CA LEU B 147 -10.43 28.98 11.49
C LEU B 147 -8.99 28.63 11.14
N LEU B 148 -8.50 29.17 10.03
CA LEU B 148 -7.15 28.88 9.63
C LEU B 148 -6.13 29.38 10.60
N GLU B 149 -6.28 30.63 11.05
CA GLU B 149 -5.43 31.23 12.07
C GLU B 149 -5.54 30.50 13.40
N ASP B 150 -6.73 30.18 13.81
CA ASP B 150 -6.90 29.49 15.09
C ASP B 150 -6.30 28.07 15.07
N CYS B 151 -6.61 27.29 14.04
CA CYS B 151 -5.93 26.01 13.85
C CYS B 151 -4.38 26.14 13.83
N GLY B 152 -3.83 27.12 13.11
CA GLY B 152 -2.38 27.40 13.17
C GLY B 152 -1.81 27.60 14.60
N ALA B 153 -2.53 28.38 15.38
CA ALA B 153 -2.16 28.57 16.78
C ALA B 153 -2.25 27.23 17.55
N MET B 154 -3.30 26.42 17.35
CA MET B 154 -3.42 25.23 18.17
C MET B 154 -2.32 24.24 17.75
N ILE B 155 -1.96 24.28 16.47
CA ILE B 155 -1.00 23.33 15.92
C ILE B 155 0.37 23.62 16.54
N ILE B 156 0.81 24.88 16.55
CA ILE B 156 2.09 25.16 17.17
C ILE B 156 2.07 24.97 18.70
N ASN B 157 0.98 25.40 19.38
CA ASN B 157 0.96 25.30 20.84
C ASN B 157 0.93 23.84 21.25
N THR B 158 0.19 23.00 20.52
CA THR B 158 0.15 21.58 20.88
C THR B 158 1.48 20.87 20.57
N ALA B 159 2.14 21.21 19.46
CA ALA B 159 3.43 20.64 19.14
C ALA B 159 4.49 21.01 20.19
N CYS B 160 4.57 22.26 20.61
CA CYS B 160 5.48 22.62 21.68
C CYS B 160 5.18 21.87 23.00
N GLN B 161 3.92 21.66 23.31
CA GLN B 161 3.62 20.96 24.55
C GLN B 161 4.06 19.52 24.49
N CYS B 162 3.93 18.90 23.35
CA CYS B 162 4.29 17.52 23.22
C CYS B 162 5.78 17.31 23.25
N LEU B 163 6.54 18.20 22.58
CA LEU B 163 7.93 17.97 22.15
C LEU B 163 9.00 18.69 22.95
N PHE B 164 8.63 19.78 23.63
CA PHE B 164 9.56 20.61 24.38
C PHE B 164 9.32 20.46 25.90
N GLY B 165 10.36 20.25 26.69
CA GLY B 165 10.18 20.18 28.15
C GLY B 165 9.87 21.56 28.70
N GLU B 166 9.32 21.54 29.92
CA GLU B 166 8.89 22.74 30.63
C GLU B 166 9.98 23.75 30.73
N ASP B 167 11.19 23.32 31.04
CA ASP B 167 12.30 24.26 31.10
C ASP B 167 12.41 25.04 29.77
N LEU B 168 12.38 24.33 28.65
CA LEU B 168 12.50 24.93 27.34
C LEU B 168 11.35 25.89 27.16
N ARG B 169 10.14 25.42 27.40
CA ARG B 169 8.97 26.25 27.15
C ARG B 169 8.97 27.55 27.98
N LYS B 170 9.62 27.58 29.15
CA LYS B 170 9.72 28.81 29.97
C LYS B 170 10.71 29.77 29.36
N ARG B 171 11.71 29.26 28.63
CA ARG B 171 12.65 30.14 27.90
C ARG B 171 12.15 30.45 26.52
N LEU B 172 11.27 29.60 25.98
CA LEU B 172 10.83 29.76 24.58
C LEU B 172 9.39 29.32 24.42
N ASN B 173 8.44 30.26 24.47
CA ASN B 173 7.08 29.86 24.38
C ASN B 173 6.72 29.73 22.88
N ALA B 174 5.50 29.38 22.65
CA ALA B 174 5.05 28.96 21.38
C ALA B 174 4.94 30.16 20.47
N ARG B 175 4.64 31.30 21.08
CA ARG B 175 4.53 32.52 20.37
C ARG B 175 5.88 32.99 19.82
N HIS B 176 6.88 33.04 20.68
CA HIS B 176 8.22 33.46 20.34
C HIS B 176 8.78 32.48 19.28
N PHE B 177 8.55 31.18 19.50
CA PHE B 177 9.01 30.20 18.55
C PHE B 177 8.38 30.33 17.14
N ALA B 178 7.08 30.61 17.07
CA ALA B 178 6.38 30.95 15.83
C ALA B 178 7.00 32.11 15.13
N GLN B 179 7.42 33.10 15.91
CA GLN B 179 8.03 34.27 15.32
C GLN B 179 9.37 33.89 14.76
N LEU B 180 10.09 32.99 15.42
CA LEU B 180 11.43 32.64 14.93
C LEU B 180 11.28 31.83 13.65
N LEU B 181 10.36 30.86 13.62
CA LEU B 181 10.04 30.14 12.40
C LEU B 181 9.58 31.04 11.21
N SER B 182 8.78 32.03 11.52
CA SER B 182 8.29 32.92 10.52
C SER B 182 9.45 33.71 9.86
N LYS B 183 10.41 34.20 10.64
CA LYS B 183 11.60 34.85 10.10
C LYS B 183 12.46 33.93 9.25
N MET B 184 12.57 32.66 9.66
CA MET B 184 13.31 31.72 8.84
C MET B 184 12.59 31.49 7.52
N GLU B 185 11.29 31.45 7.56
CA GLU B 185 10.53 30.96 6.43
C GLU B 185 10.32 32.03 5.38
N SER B 186 10.20 33.27 5.82
CA SER B 186 9.92 34.37 4.95
C SER B 186 11.18 34.79 4.21
N SER B 187 12.32 34.20 4.57
CA SER B 187 13.54 34.36 3.83
C SER B 187 13.50 33.52 2.54
N LEU B 188 12.58 32.59 2.42
CA LEU B 188 12.72 31.61 1.40
C LEU B 188 12.15 32.11 0.08
N ILE B 189 12.78 31.72 -1.01
CA ILE B 189 12.25 31.99 -2.38
C ILE B 189 11.87 30.64 -2.99
N PRO B 190 10.63 30.21 -2.83
CA PRO B 190 10.21 28.85 -3.30
C PRO B 190 10.61 28.55 -4.71
N ALA B 191 10.53 29.54 -5.61
CA ALA B 191 10.82 29.34 -7.02
C ALA B 191 12.29 29.23 -7.33
N ALA B 192 13.13 29.53 -6.35
CA ALA B 192 14.56 29.33 -6.50
C ALA B 192 14.94 27.86 -6.63
N VAL B 193 14.08 26.93 -6.16
CA VAL B 193 14.19 25.47 -6.51
C VAL B 193 14.41 25.23 -8.03
N PHE B 194 13.70 26.02 -8.84
CA PHE B 194 13.76 25.91 -10.26
C PHE B 194 14.67 26.93 -10.91
N MET B 195 14.77 28.11 -10.28
CA MET B 195 15.49 29.28 -10.82
C MET B 195 16.40 29.92 -9.77
N PRO B 196 17.60 29.35 -9.58
CA PRO B 196 18.45 29.80 -8.48
C PRO B 196 18.86 31.26 -8.60
N TRP B 197 18.92 31.80 -9.82
CA TRP B 197 19.26 33.21 -9.96
C TRP B 197 18.31 34.20 -9.26
N LEU B 198 17.10 33.77 -8.88
CA LEU B 198 16.20 34.67 -8.14
C LEU B 198 16.83 35.18 -6.85
N LEU B 199 17.84 34.44 -6.31
CA LEU B 199 18.51 34.84 -5.07
C LEU B 199 19.38 36.07 -5.29
N ARG B 200 19.63 36.43 -6.54
CA ARG B 200 20.30 37.68 -6.85
C ARG B 200 19.45 38.95 -6.76
N LEU B 201 18.15 38.78 -6.77
CA LEU B 201 17.27 39.94 -6.73
C LEU B 201 17.27 40.55 -5.34
N PRO B 202 17.21 41.89 -5.25
CA PRO B 202 17.16 42.50 -3.94
C PRO B 202 15.81 42.27 -3.23
N LEU B 203 15.92 42.24 -1.90
CA LEU B 203 14.84 42.08 -0.97
C LEU B 203 14.29 43.43 -0.46
N PRO B 204 12.99 43.47 -0.10
CA PRO B 204 12.33 44.65 0.41
C PRO B 204 12.90 45.09 1.76
N GLN B 205 13.44 44.12 2.49
CA GLN B 205 14.03 44.37 3.81
C GLN B 205 14.99 43.21 4.06
N SER B 206 15.87 43.36 5.04
CA SER B 206 16.95 42.39 5.15
C SER B 206 16.37 41.12 5.75
N ALA B 207 16.84 39.98 5.28
CA ALA B 207 16.36 38.71 5.77
C ALA B 207 16.89 38.45 7.20
N ARG B 208 16.11 37.69 7.99
CA ARG B 208 16.43 37.46 9.39
C ARG B 208 16.49 36.00 9.78
N CYS B 209 16.68 35.15 8.80
CA CYS B 209 16.74 33.70 9.00
C CYS B 209 17.98 33.27 9.83
N ARG B 210 19.16 33.80 9.50
CA ARG B 210 20.38 33.39 10.17
C ARG B 210 20.33 33.86 11.61
N GLU B 211 19.77 35.06 11.87
CA GLU B 211 19.62 35.60 13.21
C GLU B 211 18.63 34.82 14.01
N ALA B 212 17.49 34.49 13.40
CA ALA B 212 16.51 33.72 14.12
C ALA B 212 17.10 32.34 14.44
N ARG B 213 17.77 31.71 13.46
CA ARG B 213 18.34 30.38 13.73
C ARG B 213 19.36 30.44 14.88
N ALA B 214 20.26 31.41 14.82
CA ALA B 214 21.23 31.64 15.88
C ALA B 214 20.58 31.85 17.24
N GLU B 215 19.52 32.63 17.29
CA GLU B 215 18.82 32.84 18.55
C GLU B 215 18.34 31.52 19.12
N LEU B 216 17.68 30.72 18.29
CA LEU B 216 17.17 29.45 18.77
C LEU B 216 18.35 28.61 19.28
N GLN B 217 19.45 28.60 18.53
CA GLN B 217 20.52 27.72 18.92
C GLN B 217 21.11 28.12 20.28
N LYS B 218 21.21 29.43 20.49
CA LYS B 218 21.67 30.03 21.74
C LYS B 218 20.81 29.67 22.87
N ILE B 219 19.51 29.76 22.70
CA ILE B 219 18.60 29.32 23.79
C ILE B 219 18.72 27.81 24.10
N LEU B 220 18.72 26.99 23.06
CA LEU B 220 18.93 25.53 23.21
C LEU B 220 20.23 25.17 23.96
N GLY B 221 21.34 25.84 23.62
CA GLY B 221 22.60 25.68 24.35
C GLY B 221 22.53 26.01 25.85
N GLU B 222 21.79 27.05 26.20
CA GLU B 222 21.66 27.44 27.59
C GLU B 222 20.76 26.48 28.35
N ILE B 223 19.78 25.88 27.66
CA ILE B 223 18.95 24.88 28.31
C ILE B 223 19.82 23.68 28.60
N ILE B 224 20.59 23.25 27.60
CA ILE B 224 21.49 22.11 27.73
C ILE B 224 22.49 22.29 28.87
N VAL B 225 23.11 23.46 28.97
CA VAL B 225 24.00 23.76 30.09
C VAL B 225 23.26 23.78 31.44
N ALA B 226 22.03 24.27 31.49
CA ALA B 226 21.29 24.29 32.75
C ALA B 226 20.80 22.89 33.18
N ARG B 227 20.68 21.95 32.24
CA ARG B 227 20.30 20.60 32.57
C ARG B 227 21.55 19.84 32.95
N GLU B 228 22.69 20.29 32.43
CA GLU B 228 23.95 19.66 32.76
C GLU B 228 24.40 19.99 34.17
N LYS B 229 23.81 20.98 34.82
CA LYS B 229 24.14 21.24 36.21
C LYS B 229 23.34 20.31 37.12
N GLU B 230 22.06 20.11 36.82
CA GLU B 230 21.18 19.37 37.73
C GLU B 230 21.24 17.84 37.60
N GLU B 231 22.06 17.27 36.70
CA GLU B 231 21.89 15.86 36.21
C GLU B 231 21.93 14.73 37.26
N SER B 239 14.74 13.39 27.72
CA SER B 239 13.42 12.79 27.48
C SER B 239 12.46 13.62 26.62
N ASP B 240 12.63 14.93 26.55
CA ASP B 240 11.95 15.71 25.50
C ASP B 240 12.69 15.52 24.16
N LEU B 241 12.22 16.21 23.13
CA LEU B 241 12.80 16.03 21.79
C LEU B 241 14.26 16.41 21.79
N LEU B 242 14.57 17.53 22.43
CA LEU B 242 15.94 17.97 22.63
C LEU B 242 16.80 16.93 23.39
N GLY B 243 16.31 16.43 24.53
CA GLY B 243 16.99 15.36 25.30
C GLY B 243 17.25 14.06 24.56
N GLY B 244 16.27 13.59 23.80
CA GLY B 244 16.45 12.39 22.98
C GLY B 244 17.56 12.59 21.94
N LEU B 245 17.58 13.76 21.27
CA LEU B 245 18.55 14.04 20.18
C LEU B 245 19.96 14.20 20.70
N LEU B 246 20.08 14.81 21.85
CA LEU B 246 21.37 14.91 22.55
C LEU B 246 22.03 13.57 22.99
N LYS B 247 21.28 12.49 23.03
CA LYS B 247 21.87 11.20 23.19
C LYS B 247 22.32 10.60 21.90
N ALA B 248 22.05 11.23 20.74
CA ALA B 248 22.28 10.54 19.47
C ALA B 248 23.78 10.46 19.22
N VAL B 249 24.24 9.27 18.86
CA VAL B 249 25.64 9.07 18.50
C VAL B 249 25.69 8.32 17.15
N TYR B 250 26.38 8.90 16.17
CA TYR B 250 26.40 8.35 14.81
C TYR B 250 27.20 7.02 14.78
N ARG B 251 27.12 6.29 13.66
CA ARG B 251 27.85 4.99 13.48
C ARG B 251 29.34 5.19 13.64
N ASP B 252 29.81 6.40 13.36
CA ASP B 252 31.22 6.66 13.49
C ASP B 252 31.64 7.11 14.91
N GLY B 253 30.75 7.10 15.89
CA GLY B 253 31.12 7.30 17.28
C GLY B 253 31.07 8.78 17.66
N THR B 254 30.84 9.65 16.67
CA THR B 254 30.71 11.08 16.92
C THR B 254 29.26 11.38 17.39
N ARG B 255 29.14 12.35 18.30
CA ARG B 255 27.86 12.88 18.73
C ARG B 255 27.21 13.85 17.78
N MET B 256 25.89 13.82 17.81
CA MET B 256 25.14 14.84 17.14
C MET B 256 25.44 16.10 17.85
N SER B 257 25.86 17.14 17.14
CA SER B 257 26.21 18.39 17.77
C SER B 257 24.97 19.18 18.05
N LEU B 258 25.17 20.25 18.78
CA LEU B 258 24.14 21.26 19.09
C LEU B 258 23.62 21.92 17.80
N HIS B 259 24.52 22.24 16.90
CA HIS B 259 24.15 22.75 15.59
C HIS B 259 23.16 21.80 14.83
N GLU B 260 23.49 20.51 14.78
CA GLU B 260 22.62 19.50 14.17
C GLU B 260 21.34 19.24 14.93
N VAL B 261 21.39 19.18 16.25
CA VAL B 261 20.19 19.12 17.07
C VAL B 261 19.21 20.30 16.79
N CYS B 262 19.73 21.52 16.80
CA CYS B 262 18.92 22.70 16.51
C CYS B 262 18.24 22.53 15.10
N GLY B 263 19.03 22.16 14.10
CA GLY B 263 18.58 21.86 12.72
C GLY B 263 17.41 20.90 12.66
N MET B 264 17.49 19.82 13.40
CA MET B 264 16.43 18.82 13.38
C MET B 264 15.16 19.31 14.07
N ILE B 265 15.31 20.09 15.10
CA ILE B 265 14.16 20.60 15.80
C ILE B 265 13.49 21.60 14.86
N VAL B 266 14.29 22.44 14.21
CA VAL B 266 13.75 23.34 13.20
C VAL B 266 13.02 22.54 12.10
N ALA B 267 13.61 21.47 11.60
CA ALA B 267 13.03 20.68 10.52
C ALA B 267 11.71 20.13 10.98
N ALA B 268 11.69 19.56 12.17
CA ALA B 268 10.49 19.09 12.75
C ALA B 268 9.33 20.11 12.91
N MET B 269 9.60 21.28 13.45
CA MET B 269 8.55 22.24 13.68
C MET B 269 8.10 22.94 12.40
N PHE B 270 9.05 23.21 11.53
CA PHE B 270 8.80 23.79 10.23
C PHE B 270 7.93 22.89 9.39
N ALA B 271 8.26 21.60 9.35
CA ALA B 271 7.60 20.66 8.51
C ALA B 271 6.13 20.58 8.83
N GLY B 272 5.79 20.53 10.11
CA GLY B 272 4.43 20.37 10.55
C GLY B 272 3.58 21.60 10.70
N GLN B 273 4.14 22.80 10.72
N GLN B 273 4.22 22.77 10.85
CA GLN B 273 3.36 23.99 11.06
CA GLN B 273 3.59 24.10 10.90
C GLN B 273 2.32 24.48 10.03
C GLN B 273 2.32 24.09 10.01
N HIS B 274 2.57 24.31 8.72
CA HIS B 274 1.55 24.61 7.74
C HIS B 274 0.81 23.37 7.30
N THR B 275 1.54 22.31 7.03
CA THR B 275 0.92 21.09 6.59
C THR B 275 -0.21 20.63 7.51
N SER B 276 0.04 20.56 8.80
CA SER B 276 -0.95 20.06 9.76
C SER B 276 -2.07 21.04 10.05
N THR B 277 -1.72 22.29 10.09
CA THR B 277 -2.68 23.37 10.28
C THR B 277 -3.71 23.31 9.15
N ILE B 278 -3.19 23.22 7.93
CA ILE B 278 -4.01 23.18 6.74
C ILE B 278 -4.91 21.92 6.73
N THR B 279 -4.32 20.77 7.04
CA THR B 279 -5.09 19.54 7.14
C THR B 279 -6.19 19.61 8.17
N THR B 280 -5.91 20.18 9.33
CA THR B 280 -6.94 20.35 10.39
C THR B 280 -8.04 21.29 9.88
N SER B 281 -7.63 22.37 9.21
CA SER B 281 -8.56 23.34 8.69
C SER B 281 -9.50 22.78 7.67
N TRP B 282 -8.98 22.22 6.61
CA TRP B 282 -9.84 21.61 5.67
C TRP B 282 -10.76 20.57 6.31
N SER B 283 -10.21 19.72 7.16
CA SER B 283 -11.03 18.67 7.78
C SER B 283 -12.24 19.31 8.50
N MET B 284 -11.99 20.33 9.27
CA MET B 284 -13.10 21.02 9.94
C MET B 284 -14.08 21.68 8.96
N LEU B 285 -13.54 22.29 7.91
CA LEU B 285 -14.37 23.02 6.97
C LEU B 285 -15.30 22.04 6.28
N HIS B 286 -14.76 20.88 5.87
CA HIS B 286 -15.57 19.90 5.18
C HIS B 286 -16.66 19.45 6.16
N LEU B 287 -16.25 19.13 7.39
CA LEU B 287 -17.16 18.43 8.29
C LEU B 287 -18.28 19.35 8.67
N MET B 288 -18.02 20.65 8.74
CA MET B 288 -19.03 21.57 9.24
C MET B 288 -19.98 22.02 8.09
N HIS B 289 -19.68 21.68 6.84
CA HIS B 289 -20.50 22.13 5.73
C HIS B 289 -21.80 21.33 5.70
N PRO B 290 -22.93 21.99 5.44
CA PRO B 290 -24.19 21.25 5.68
C PRO B 290 -24.29 20.06 4.80
N LYS B 291 -23.62 20.06 3.66
CA LYS B 291 -23.78 18.92 2.77
C LYS B 291 -23.03 17.68 3.23
N ASN B 292 -22.21 17.85 4.27
CA ASN B 292 -21.48 16.76 4.88
C ASN B 292 -22.08 16.37 6.24
N LYS B 293 -23.33 16.75 6.48
CA LYS B 293 -23.92 16.54 7.77
C LYS B 293 -23.89 15.02 8.10
N LYS B 294 -24.09 14.18 7.12
CA LYS B 294 -24.05 12.77 7.41
C LYS B 294 -22.65 12.34 7.89
N TRP B 295 -21.61 12.88 7.31
CA TRP B 295 -20.26 12.56 7.82
C TRP B 295 -20.02 13.13 9.22
N LEU B 296 -20.52 14.33 9.51
CA LEU B 296 -20.31 14.89 10.84
C LEU B 296 -21.08 14.07 11.91
N ASP B 297 -22.28 13.58 11.59
CA ASP B 297 -23.01 12.67 12.49
C ASP B 297 -22.19 11.38 12.71
N LYS B 298 -21.66 10.83 11.64
CA LYS B 298 -20.83 9.66 11.77
C LYS B 298 -19.61 9.93 12.67
N LEU B 299 -18.97 11.07 12.49
CA LEU B 299 -17.91 11.45 13.43
C LEU B 299 -18.43 11.47 14.88
N HIS B 300 -19.60 12.08 15.11
CA HIS B 300 -20.15 12.08 16.47
C HIS B 300 -20.46 10.65 16.96
N LYS B 301 -21.01 9.78 16.10
CA LYS B 301 -21.28 8.42 16.55
C LYS B 301 -19.98 7.89 17.14
N GLU B 302 -18.88 8.07 16.42
CA GLU B 302 -17.58 7.55 16.82
C GLU B 302 -16.96 8.14 18.10
N ILE B 303 -17.11 9.44 18.34
CA ILE B 303 -16.49 10.10 19.50
C ILE B 303 -17.40 10.46 20.70
N ASP B 304 -18.72 10.34 20.55
CA ASP B 304 -19.64 10.76 21.59
C ASP B 304 -19.62 9.84 22.82
N GLU B 305 -19.18 8.58 22.70
CA GLU B 305 -19.01 7.69 23.88
C GLU B 305 -17.63 7.79 24.55
N PHE B 306 -16.71 8.61 24.02
CA PHE B 306 -15.38 8.73 24.65
C PHE B 306 -15.45 9.47 25.95
N PRO B 307 -14.55 9.14 26.87
CA PRO B 307 -14.41 9.92 28.10
C PRO B 307 -13.90 11.30 27.84
N ALA B 308 -14.11 12.15 28.82
CA ALA B 308 -13.64 13.52 28.78
C ALA B 308 -12.13 13.63 28.55
N GLN B 309 -11.35 12.78 29.19
CA GLN B 309 -9.89 12.81 29.02
C GLN B 309 -9.62 11.70 28.09
N LEU B 310 -9.20 12.05 26.88
CA LEU B 310 -8.92 11.05 25.88
C LEU B 310 -7.60 10.42 26.16
N ASN B 311 -7.43 9.21 25.71
CA ASN B 311 -6.14 8.55 25.85
C ASN B 311 -5.70 8.05 24.49
N TYR B 312 -4.48 7.56 24.52
CA TYR B 312 -3.77 7.05 23.38
C TYR B 312 -4.59 6.04 22.64
N ASP B 313 -5.15 5.08 23.36
CA ASP B 313 -6.02 4.10 22.70
C ASP B 313 -7.21 4.71 21.95
N ASN B 314 -7.82 5.74 22.50
CA ASN B 314 -9.00 6.31 21.89
C ASN B 314 -8.62 6.80 20.47
N VAL B 315 -7.55 7.58 20.43
CA VAL B 315 -7.13 8.26 19.23
C VAL B 315 -6.50 7.31 18.23
N MET B 316 -5.62 6.41 18.68
CA MET B 316 -4.96 5.48 17.76
C MET B 316 -5.85 4.35 17.27
N ASP B 317 -6.66 3.76 18.15
CA ASP B 317 -7.41 2.56 17.75
C ASP B 317 -8.88 2.79 17.50
N GLU B 318 -9.48 3.82 18.09
CA GLU B 318 -10.95 3.99 18.00
C GLU B 318 -11.41 5.18 17.18
N MET B 319 -10.56 5.70 16.28
CA MET B 319 -10.96 6.85 15.42
C MET B 319 -10.64 6.59 13.93
N PRO B 320 -11.08 5.44 13.38
CA PRO B 320 -10.84 5.14 11.96
C PRO B 320 -11.66 6.01 11.01
N PHE B 321 -12.83 6.48 11.43
CA PHE B 321 -13.62 7.31 10.53
C PHE B 321 -13.05 8.73 10.47
N ALA B 322 -12.67 9.27 11.62
CA ALA B 322 -12.03 10.60 11.68
C ALA B 322 -10.76 10.56 10.89
N GLU B 323 -10.04 9.46 10.96
CA GLU B 323 -8.77 9.37 10.25
C GLU B 323 -9.01 9.39 8.74
N ARG B 324 -10.10 8.78 8.32
CA ARG B 324 -10.56 8.88 6.93
C ARG B 324 -10.91 10.34 6.53
N CYS B 325 -11.57 11.07 7.44
CA CYS B 325 -11.91 12.47 7.21
C CYS B 325 -10.65 13.27 6.94
N VAL B 326 -9.61 12.99 7.72
CA VAL B 326 -8.33 13.67 7.62
C VAL B 326 -7.58 13.27 6.33
N ARG B 327 -7.48 11.97 6.05
CA ARG B 327 -6.83 11.55 4.84
C ARG B 327 -7.57 12.05 3.59
N GLU B 328 -8.88 12.05 3.59
CA GLU B 328 -9.60 12.48 2.42
C GLU B 328 -9.37 13.96 2.16
N SER B 329 -9.19 14.68 3.23
CA SER B 329 -8.88 16.10 3.13
C SER B 329 -7.51 16.35 2.45
N ILE B 330 -6.51 15.54 2.80
CA ILE B 330 -5.17 15.60 2.18
C ILE B 330 -5.25 15.08 0.74
N ARG B 331 -6.11 14.08 0.50
CA ARG B 331 -6.30 13.54 -0.83
C ARG B 331 -6.83 14.62 -1.76
N ARG B 332 -7.93 15.29 -1.36
CA ARG B 332 -8.55 16.35 -2.19
C ARG B 332 -7.69 17.58 -2.29
N ASP B 333 -7.16 18.06 -1.17
CA ASP B 333 -6.33 19.27 -1.19
C ASP B 333 -4.96 19.09 -0.50
N PRO B 334 -4.08 18.35 -1.16
CA PRO B 334 -2.79 18.07 -0.54
C PRO B 334 -2.01 19.40 -0.36
N PRO B 335 -1.44 19.60 0.79
CA PRO B 335 -0.70 20.82 1.05
C PRO B 335 0.62 20.95 0.34
N LEU B 336 1.31 19.83 0.08
CA LEU B 336 2.47 19.86 -0.75
C LEU B 336 2.03 19.31 -2.06
N LEU B 337 2.13 20.13 -3.10
CA LEU B 337 1.55 19.83 -4.41
C LEU B 337 2.43 18.98 -5.28
N MET B 338 3.74 19.02 -5.04
CA MET B 338 4.78 18.36 -5.83
C MET B 338 5.80 17.66 -4.91
N VAL B 339 6.27 16.48 -5.27
CA VAL B 339 7.49 15.90 -4.66
C VAL B 339 8.52 15.83 -5.79
N MET B 340 9.73 16.30 -5.54
CA MET B 340 10.66 16.55 -6.59
C MET B 340 12.05 15.96 -6.36
N ARG B 341 12.71 15.63 -7.46
CA ARG B 341 14.10 15.18 -7.43
C ARG B 341 14.83 15.74 -8.61
N MET B 342 16.15 15.89 -8.49
CA MET B 342 16.99 16.10 -9.61
C MET B 342 17.36 14.75 -10.25
N VAL B 343 17.22 14.64 -11.55
CA VAL B 343 17.63 13.45 -12.30
C VAL B 343 19.14 13.51 -12.57
N LYS B 344 19.90 12.59 -11.99
CA LYS B 344 21.37 12.51 -12.16
C LYS B 344 21.72 11.49 -13.21
N ALA B 345 20.87 10.52 -13.42
CA ALA B 345 21.00 9.64 -14.55
C ALA B 345 19.64 9.36 -15.18
N GLU B 346 19.67 9.16 -16.47
CA GLU B 346 18.48 8.92 -17.25
C GLU B 346 17.57 7.86 -16.64
N VAL B 347 16.30 8.10 -16.46
CA VAL B 347 15.45 7.04 -15.93
C VAL B 347 14.30 6.79 -16.86
N LYS B 348 13.87 5.54 -16.86
CA LYS B 348 12.77 5.07 -17.62
C LYS B 348 11.47 5.29 -16.86
N VAL B 349 10.47 5.83 -17.54
CA VAL B 349 9.17 6.13 -16.93
C VAL B 349 8.11 5.85 -17.98
N GLY B 350 7.47 4.69 -17.86
CA GLY B 350 6.54 4.21 -18.85
C GLY B 350 7.29 3.91 -20.11
N SER B 351 6.80 4.46 -21.21
CA SER B 351 7.43 4.26 -22.50
C SER B 351 8.40 5.40 -22.80
N TYR B 352 8.65 6.27 -21.81
CA TYR B 352 9.55 7.38 -21.98
C TYR B 352 10.83 7.22 -21.23
N VAL B 353 11.78 8.06 -21.59
CA VAL B 353 13.00 8.22 -20.83
C VAL B 353 13.15 9.69 -20.32
N VAL B 354 13.47 9.90 -19.04
CA VAL B 354 13.66 11.26 -18.53
C VAL B 354 15.12 11.54 -18.40
N PRO B 355 15.59 12.67 -18.96
CA PRO B 355 17.01 12.76 -19.07
C PRO B 355 17.60 13.46 -17.90
N LYS B 356 18.91 13.29 -17.81
CA LYS B 356 19.73 13.88 -16.78
C LYS B 356 19.57 15.38 -16.77
N GLY B 357 19.51 16.03 -15.59
CA GLY B 357 19.32 17.51 -15.57
C GLY B 357 17.88 17.99 -15.45
N ASP B 358 16.91 17.16 -15.82
CA ASP B 358 15.52 17.42 -15.47
C ASP B 358 15.31 17.41 -13.96
N ILE B 359 14.37 18.20 -13.49
CA ILE B 359 13.70 17.94 -12.25
C ILE B 359 12.52 17.04 -12.57
N ILE B 360 12.40 15.92 -11.88
CA ILE B 360 11.30 15.04 -12.11
C ILE B 360 10.42 15.20 -10.92
N ALA B 361 9.11 15.12 -11.13
CA ALA B 361 8.22 15.33 -10.01
C ALA B 361 7.02 14.44 -10.10
N CYS B 362 6.53 14.10 -8.94
CA CYS B 362 5.34 13.34 -8.77
C CYS B 362 4.45 14.30 -8.00
N SER B 363 3.21 14.47 -8.42
CA SER B 363 2.41 15.55 -7.85
C SER B 363 1.23 14.98 -7.13
N PRO B 364 1.23 15.10 -5.81
CA PRO B 364 0.05 14.62 -5.07
C PRO B 364 -1.20 15.29 -5.60
N LEU B 365 -1.08 16.58 -5.97
CA LEU B 365 -2.23 17.33 -6.50
C LEU B 365 -2.84 16.70 -7.77
N LEU B 366 -2.00 16.45 -8.75
CA LEU B 366 -2.44 15.86 -9.97
C LEU B 366 -2.86 14.41 -9.76
N SER B 367 -2.01 13.60 -9.15
CA SER B 367 -2.34 12.15 -8.98
C SER B 367 -3.62 11.95 -8.21
N HIS B 368 -3.90 12.83 -7.25
CA HIS B 368 -5.12 12.73 -6.42
C HIS B 368 -6.38 13.16 -7.13
N HIS B 369 -6.21 13.69 -8.34
CA HIS B 369 -7.30 14.03 -9.22
C HIS B 369 -7.40 13.16 -10.44
N ASP B 370 -6.60 12.10 -10.49
CA ASP B 370 -6.68 11.15 -11.56
C ASP B 370 -8.03 10.43 -11.48
N GLU B 371 -8.74 10.40 -12.60
CA GLU B 371 -10.13 9.97 -12.60
C GLU B 371 -10.30 8.45 -12.33
N GLU B 372 -9.39 7.64 -12.81
CA GLU B 372 -9.38 6.25 -12.49
C GLU B 372 -9.08 5.99 -10.99
N ALA B 373 -8.04 6.65 -10.45
CA ALA B 373 -7.65 6.40 -9.07
C ALA B 373 -8.68 6.94 -8.11
N PHE B 374 -9.26 8.11 -8.41
CA PHE B 374 -10.21 8.74 -7.52
C PHE B 374 -11.36 9.32 -8.33
N PRO B 375 -12.35 8.48 -8.71
CA PRO B 375 -13.51 9.03 -9.46
C PRO B 375 -14.20 10.23 -8.74
N ASN B 376 -14.62 11.22 -9.53
CA ASN B 376 -15.21 12.44 -9.01
C ASN B 376 -14.31 13.08 -7.94
N PRO B 377 -13.07 13.40 -8.31
CA PRO B 377 -12.06 13.81 -7.35
C PRO B 377 -12.34 15.16 -6.67
N ARG B 378 -13.18 16.04 -7.22
CA ARG B 378 -13.50 17.25 -6.41
C ARG B 378 -14.50 16.98 -5.27
N LEU B 379 -15.10 15.81 -5.25
CA LEU B 379 -15.95 15.40 -4.16
C LEU B 379 -15.19 14.95 -2.92
N TRP B 380 -15.47 15.59 -1.78
CA TRP B 380 -14.90 15.14 -0.51
C TRP B 380 -15.78 13.98 -0.01
N ASP B 381 -15.20 12.78 0.02
CA ASP B 381 -15.92 11.54 0.37
C ASP B 381 -15.00 10.73 1.23
N PRO B 382 -15.18 10.79 2.55
CA PRO B 382 -14.26 10.11 3.46
C PRO B 382 -14.24 8.57 3.31
N GLU B 383 -15.29 8.01 2.74
CA GLU B 383 -15.47 6.55 2.57
C GLU B 383 -14.82 6.05 1.31
N ARG B 384 -14.32 6.95 0.47
CA ARG B 384 -13.68 6.52 -0.74
C ARG B 384 -12.42 5.76 -0.41
N ASP B 385 -11.97 4.95 -1.36
CA ASP B 385 -10.66 4.34 -1.32
C ASP B 385 -10.01 4.53 -2.68
N GLU B 386 -8.69 4.66 -2.68
CA GLU B 386 -7.95 4.68 -3.92
C GLU B 386 -8.24 3.43 -4.77
N LYS B 387 -8.38 3.63 -6.07
CA LYS B 387 -8.66 2.51 -6.99
C LYS B 387 -7.44 2.11 -7.83
N VAL B 388 -6.30 2.77 -7.64
CA VAL B 388 -5.05 2.37 -8.22
C VAL B 388 -4.18 2.37 -6.97
N ASP B 389 -3.47 1.27 -6.80
CA ASP B 389 -2.61 1.03 -5.67
C ASP B 389 -1.49 2.07 -5.63
N GLY B 390 -1.25 2.68 -4.48
CA GLY B 390 -0.16 3.68 -4.38
C GLY B 390 -0.54 5.07 -4.90
N ALA B 391 -1.76 5.25 -5.36
CA ALA B 391 -2.15 6.52 -5.97
C ALA B 391 -2.11 7.70 -5.01
N PHE B 392 -2.39 7.42 -3.72
CA PHE B 392 -2.36 8.40 -2.68
C PHE B 392 -0.93 8.56 -2.23
N ILE B 393 -0.41 9.79 -2.31
CA ILE B 393 0.99 10.12 -1.99
C ILE B 393 1.07 11.45 -1.23
N GLY B 394 0.02 11.74 -0.45
CA GLY B 394 0.00 12.88 0.40
C GLY B 394 1.11 13.03 1.40
N PHE B 395 1.61 11.88 1.87
CA PHE B 395 2.81 11.77 2.72
C PHE B 395 4.01 11.15 2.01
N GLY B 396 4.03 11.20 0.68
CA GLY B 396 5.07 10.55 -0.10
C GLY B 396 5.04 9.02 0.01
N ALA B 397 6.19 8.42 -0.24
CA ALA B 397 6.31 7.00 -0.45
C ALA B 397 7.78 6.61 -0.53
N GLY B 398 8.04 5.34 -0.19
CA GLY B 398 9.41 4.80 -0.25
C GLY B 398 10.34 5.39 0.78
N VAL B 399 11.60 5.48 0.39
CA VAL B 399 12.66 5.85 1.30
C VAL B 399 12.40 7.21 1.98
N HIS B 400 11.88 8.16 1.20
CA HIS B 400 11.71 9.50 1.70
C HIS B 400 10.29 9.84 2.21
N LYS B 401 9.49 8.83 2.48
CA LYS B 401 8.13 9.08 2.91
C LYS B 401 8.12 9.83 4.24
N CYS B 402 7.00 10.45 4.56
CA CYS B 402 6.91 11.30 5.72
C CYS B 402 7.20 10.60 7.06
N ILE B 403 8.10 11.15 7.82
CA ILE B 403 8.37 10.59 9.17
C ILE B 403 7.53 11.28 10.25
N GLY B 404 6.81 12.35 9.89
CA GLY B 404 5.92 13.02 10.82
C GLY B 404 4.47 12.65 10.70
N GLN B 405 4.20 11.72 9.81
CA GLN B 405 2.85 11.31 9.47
C GLN B 405 2.04 10.89 10.70
N LYS B 406 2.57 9.97 11.50
CA LYS B 406 1.81 9.47 12.65
C LYS B 406 1.53 10.55 13.69
N PHE B 407 2.52 11.40 13.97
CA PHE B 407 2.36 12.54 14.89
C PHE B 407 1.39 13.59 14.36
N ALA B 408 1.46 13.92 13.07
CA ALA B 408 0.52 14.91 12.49
C ALA B 408 -0.92 14.40 12.64
N LEU B 409 -1.13 13.14 12.24
CA LEU B 409 -2.43 12.52 12.34
C LEU B 409 -2.93 12.44 13.78
N LEU B 410 -2.04 12.15 14.74
CA LEU B 410 -2.47 12.10 16.15
C LEU B 410 -2.96 13.46 16.56
N GLN B 411 -2.20 14.45 16.17
CA GLN B 411 -2.45 15.83 16.52
C GLN B 411 -3.78 16.31 15.91
N VAL B 412 -3.96 16.14 14.60
CA VAL B 412 -5.15 16.57 13.93
C VAL B 412 -6.40 15.88 14.50
N LYS B 413 -6.33 14.56 14.62
CA LYS B 413 -7.41 13.75 15.16
C LYS B 413 -7.82 14.14 16.57
N THR B 414 -6.82 14.52 17.38
CA THR B 414 -7.07 14.89 18.78
C THR B 414 -7.78 16.20 18.80
N ILE B 415 -7.37 17.08 17.90
CA ILE B 415 -7.99 18.39 17.81
C ILE B 415 -9.45 18.27 17.36
N LEU B 416 -9.76 17.48 16.37
CA LEU B 416 -11.14 17.34 15.94
C LEU B 416 -12.03 16.78 17.02
N ALA B 417 -11.56 15.72 17.70
CA ALA B 417 -12.28 15.15 18.82
C ALA B 417 -12.59 16.16 19.90
N THR B 418 -11.61 17.00 20.25
CA THR B 418 -11.73 17.91 21.35
C THR B 418 -12.59 19.09 20.94
N ALA B 419 -12.38 19.64 19.74
CA ALA B 419 -13.18 20.73 19.21
C ALA B 419 -14.67 20.42 19.00
N PHE B 420 -14.96 19.33 18.31
CA PHE B 420 -16.34 19.04 17.95
C PHE B 420 -17.14 18.57 19.15
N ARG B 421 -16.49 18.07 20.17
CA ARG B 421 -17.21 17.51 21.33
C ARG B 421 -17.79 18.64 22.14
N GLU B 422 -17.20 19.83 22.04
CA GLU B 422 -17.62 20.96 22.85
C GLU B 422 -18.26 22.14 22.10
N TYR B 423 -18.21 22.13 20.77
CA TYR B 423 -18.75 23.23 19.95
C TYR B 423 -19.35 22.72 18.69
N ASP B 424 -20.32 23.50 18.21
CA ASP B 424 -20.78 23.42 16.85
C ASP B 424 -20.19 24.59 16.05
N PHE B 425 -20.04 24.38 14.75
CA PHE B 425 -19.46 25.35 13.84
C PHE B 425 -20.32 25.54 12.60
N GLN B 426 -20.40 26.79 12.15
CA GLN B 426 -21.05 27.11 10.90
C GLN B 426 -20.09 27.90 10.00
N LEU B 427 -19.98 27.51 8.74
CA LEU B 427 -19.06 28.17 7.84
C LEU B 427 -19.79 29.37 7.28
N LEU B 428 -19.16 30.55 7.31
CA LEU B 428 -19.84 31.76 6.87
C LEU B 428 -19.62 32.04 5.39
N ARG B 429 -19.84 31.01 4.58
N ARG B 429 -19.71 30.97 4.59
CA ARG B 429 -19.56 31.01 3.16
CA ARG B 429 -19.51 30.95 3.13
C ARG B 429 -20.46 29.93 2.57
C ARG B 429 -20.53 29.97 2.59
N ASP B 430 -20.86 30.10 1.32
CA ASP B 430 -21.83 29.19 0.70
C ASP B 430 -21.21 27.81 0.46
N GLU B 431 -19.99 27.81 -0.04
CA GLU B 431 -19.24 26.58 -0.36
C GLU B 431 -17.96 26.56 0.48
N VAL B 432 -17.34 25.38 0.68
CA VAL B 432 -15.98 25.37 1.25
C VAL B 432 -14.97 26.27 0.52
N PRO B 433 -13.98 26.77 1.24
CA PRO B 433 -13.04 27.60 0.52
C PRO B 433 -12.42 26.99 -0.69
N ASP B 434 -12.05 27.86 -1.66
CA ASP B 434 -11.11 27.50 -2.68
C ASP B 434 -9.72 27.46 -2.11
N PRO B 435 -8.92 26.48 -2.56
CA PRO B 435 -7.48 26.52 -2.29
C PRO B 435 -6.85 27.78 -2.79
N ASP B 436 -5.85 28.25 -2.04
CA ASP B 436 -5.02 29.33 -2.47
C ASP B 436 -3.70 28.76 -2.92
N TYR B 437 -3.49 28.76 -4.22
CA TYR B 437 -2.28 28.16 -4.76
C TYR B 437 -1.05 29.07 -4.74
N HIS B 438 -1.16 30.25 -4.14
CA HIS B 438 -0.09 31.25 -4.19
C HIS B 438 0.96 31.12 -3.04
N THR B 439 0.75 30.16 -2.13
CA THR B 439 1.73 29.83 -1.11
C THR B 439 2.33 28.44 -1.37
N MET B 440 3.61 28.31 -1.05
CA MET B 440 4.35 27.06 -1.22
C MET B 440 3.73 25.87 -0.50
N VAL B 441 3.22 26.05 0.72
CA VAL B 441 2.37 25.02 1.31
C VAL B 441 0.93 25.53 1.12
N VAL B 442 0.12 24.75 0.45
CA VAL B 442 -1.11 25.22 -0.08
C VAL B 442 -2.25 24.90 0.87
N GLY B 443 -3.00 25.94 1.22
CA GLY B 443 -4.16 25.82 2.18
C GLY B 443 -5.44 26.44 1.69
N PRO B 444 -6.52 26.36 2.49
CA PRO B 444 -7.71 27.12 2.12
C PRO B 444 -7.45 28.68 2.10
N THR B 445 -8.04 29.38 1.15
CA THR B 445 -7.90 30.86 1.12
C THR B 445 -8.26 31.47 2.45
N LEU B 446 -7.33 32.22 3.03
CA LEU B 446 -7.49 32.72 4.37
C LEU B 446 -8.82 33.47 4.60
N ASN B 447 -9.15 34.43 3.71
CA ASN B 447 -10.36 35.27 3.95
C ASN B 447 -11.65 34.54 3.64
N GLN B 448 -11.56 33.26 3.34
CA GLN B 448 -12.73 32.47 3.18
C GLN B 448 -12.96 31.55 4.34
N CYS B 449 -12.16 31.69 5.41
CA CYS B 449 -12.17 30.74 6.57
C CYS B 449 -12.88 31.27 7.85
N LEU B 450 -13.83 32.18 7.65
CA LEU B 450 -14.55 32.76 8.73
C LEU B 450 -15.61 31.81 9.10
N VAL B 451 -15.65 31.50 10.40
CA VAL B 451 -16.51 30.49 10.94
C VAL B 451 -17.15 30.99 12.21
N LYS B 452 -18.39 30.55 12.41
CA LYS B 452 -19.11 30.85 13.65
C LYS B 452 -19.21 29.62 14.61
N TYR B 453 -18.59 29.75 15.78
CA TYR B 453 -18.64 28.71 16.82
C TYR B 453 -19.86 28.94 17.68
N THR B 454 -20.48 27.86 18.11
CA THR B 454 -21.57 27.90 19.09
C THR B 454 -21.19 26.87 20.11
N ARG B 455 -20.99 27.27 21.37
CA ARG B 455 -20.73 26.29 22.43
C ARG B 455 -21.91 25.40 22.74
N LYS B 456 -21.63 24.12 22.99
CA LYS B 456 -22.54 23.26 23.74
C LYS B 456 -22.08 23.40 25.21
#